data_8AV2
#
_entry.id   8AV2
#
_cell.length_a   53.192
_cell.length_b   85.876
_cell.length_c   144.689
_cell.angle_alpha   90
_cell.angle_beta   90
_cell.angle_gamma   90
#
_symmetry.space_group_name_H-M   'P 21 21 21'
#
loop_
_entity.id
_entity.type
_entity.pdbx_description
1 polymer 'Leptin receptor'
2 polymer 'anti-mLEPR VHH 4-80'
3 non-polymer 2-acetamido-2-deoxy-beta-D-glucopyranose
4 non-polymer 'SULFATE ION'
5 water water
#
loop_
_entity_poly.entity_id
_entity_poly.type
_entity_poly.pdbx_seq_one_letter_code
_entity_poly.pdbx_strand_id
1 'polypeptide(L)'
;ETGDVKVPMRGPEFWRKMDGDVTKKERNVTLLWKPLTKQDSLSSVRRYVVKHRTAHNGTWSEDVGNRTQLTFLWTEPAHT
VTVLAVNSLGASLVNFQLTFSWPMSKVSAVESLSAYPLSSS(CSO)VILSWTLSPDDYSLLYLVIEWKILNEDDGMKWLR
IPSNVKKFYIHDNFIPIEKYQFSLYPVFMEGVGKPKIINGFT
;
A,B
2 'polypeptide(L)'
;ETGQVQLQESGGGLVQPGGSLRLSCAASGFTLDDYGIAWFRQAPGKEREGVSCISTSDDSTYYADSVKGRFTISRDTAKN
TVYLQMNSLKPEDTAVYYCAAERAPMCYSRSYYLVDYGMDYWGKGTQVTVSSGTKHHHHHH
;
C,D
#
loop_
_chem_comp.id
_chem_comp.type
_chem_comp.name
_chem_comp.formula
NAG D-saccharide, beta linking 2-acetamido-2-deoxy-beta-D-glucopyranose 'C8 H15 N O6'
SO4 non-polymer 'SULFATE ION' 'O4 S -2'
#
# COMPACT_ATOMS: atom_id res chain seq x y z
N VAL A 7 -13.09 -12.45 -15.59
N VAL A 7 -14.71 -4.33 -9.08
CA VAL A 7 -11.70 -12.06 -15.31
CA VAL A 7 -14.88 -4.92 -10.40
C VAL A 7 -11.53 -11.94 -13.79
C VAL A 7 -13.55 -5.46 -11.01
N PRO A 8 -10.44 -12.48 -13.20
N PRO A 8 -12.38 -4.78 -10.94
CA PRO A 8 -10.22 -12.30 -11.76
CA PRO A 8 -11.14 -5.42 -11.47
C PRO A 8 -9.99 -10.82 -11.43
C PRO A 8 -10.76 -6.62 -10.62
N MET A 9 -10.72 -10.30 -10.44
N MET A 9 -10.55 -7.80 -11.24
CA MET A 9 -10.65 -8.89 -10.04
CA MET A 9 -10.20 -9.01 -10.49
C MET A 9 -9.30 -8.52 -9.41
C MET A 9 -8.88 -8.84 -9.78
N ARG A 10 -8.76 -9.39 -8.56
CA ARG A 10 -7.54 -9.21 -7.80
C ARG A 10 -6.72 -10.48 -7.73
N GLY A 11 -5.40 -10.36 -7.80
CA GLY A 11 -4.52 -11.51 -7.61
C GLY A 11 -4.55 -11.92 -6.15
N PRO A 12 -3.94 -13.07 -5.83
CA PRO A 12 -3.96 -13.52 -4.44
C PRO A 12 -2.99 -12.81 -3.54
N GLU A 13 -3.33 -12.74 -2.26
N GLU A 13 -3.34 -12.64 -2.26
CA GLU A 13 -2.44 -12.24 -1.21
CA GLU A 13 -2.36 -12.11 -1.30
C GLU A 13 -1.35 -13.31 -1.06
C GLU A 13 -1.34 -13.26 -1.07
N PHE A 14 -0.08 -12.88 -0.90
CA PHE A 14 0.99 -13.86 -0.78
C PHE A 14 2.08 -13.42 0.19
N TRP A 15 2.83 -14.41 0.66
CA TRP A 15 3.95 -14.15 1.55
C TRP A 15 5.16 -15.02 1.06
N ARG A 16 6.11 -15.32 1.95
N ARG A 16 6.16 -15.26 1.93
CA ARG A 16 7.29 -16.06 1.57
CA ARG A 16 7.34 -16.00 1.54
C ARG A 16 7.93 -16.78 2.74
C ARG A 16 8.08 -16.61 2.71
N LYS A 17 8.85 -17.67 2.41
CA LYS A 17 9.77 -18.26 3.36
C LYS A 17 11.10 -18.31 2.60
N MET A 18 12.21 -18.27 3.30
CA MET A 18 13.52 -18.30 2.66
C MET A 18 14.35 -19.46 3.13
N ASP A 19 15.33 -19.84 2.32
CA ASP A 19 16.32 -20.82 2.72
C ASP A 19 17.70 -20.36 2.21
N GLY A 20 18.73 -20.84 2.89
CA GLY A 20 20.10 -20.54 2.55
C GLY A 20 20.90 -20.03 3.74
N ASP A 21 22.20 -19.93 3.55
CA ASP A 21 23.16 -19.43 4.53
C ASP A 21 22.79 -17.97 4.87
N VAL A 22 22.47 -17.69 6.15
CA VAL A 22 22.00 -16.33 6.49
C VAL A 22 23.14 -15.26 6.44
N THR A 23 24.42 -15.70 6.28
CA THR A 23 25.53 -14.75 6.17
C THR A 23 25.81 -14.33 4.72
N LYS A 24 25.03 -14.83 3.72
CA LYS A 24 25.22 -14.48 2.30
C LYS A 24 23.96 -13.82 1.75
N LYS A 25 24.12 -12.90 0.78
CA LYS A 25 22.94 -12.18 0.26
C LYS A 25 21.97 -13.09 -0.56
N GLU A 26 22.53 -14.10 -1.26
CA GLU A 26 21.72 -14.98 -2.12
C GLU A 26 20.80 -15.82 -1.26
N ARG A 27 19.59 -16.05 -1.74
CA ARG A 27 18.63 -16.80 -0.97
C ARG A 27 17.61 -17.48 -1.88
N ASN A 28 17.24 -18.73 -1.57
CA ASN A 28 16.14 -19.36 -2.29
C ASN A 28 14.84 -18.87 -1.59
N VAL A 29 14.01 -18.12 -2.32
CA VAL A 29 12.79 -17.56 -1.77
C VAL A 29 11.61 -18.37 -2.30
N THR A 30 10.79 -18.88 -1.37
CA THR A 30 9.60 -19.61 -1.76
C THR A 30 8.40 -18.72 -1.50
N LEU A 31 7.76 -18.23 -2.55
CA LEU A 31 6.53 -17.46 -2.42
C LEU A 31 5.40 -18.42 -2.06
N LEU A 32 4.47 -17.98 -1.22
CA LEU A 32 3.39 -18.80 -0.73
C LEU A 32 2.05 -18.06 -0.85
N TRP A 33 1.03 -18.74 -1.35
CA TRP A 33 -0.32 -18.18 -1.37
C TRP A 33 -1.37 -19.26 -1.13
N LYS A 34 -2.60 -18.86 -0.86
CA LYS A 34 -3.70 -19.81 -0.68
C LYS A 34 -4.50 -19.83 -1.98
N PRO A 35 -5.14 -20.95 -2.34
CA PRO A 35 -5.96 -20.96 -3.55
C PRO A 35 -7.09 -19.93 -3.45
N LEU A 36 -7.34 -19.16 -4.52
CA LEU A 36 -8.40 -18.16 -4.51
C LEU A 36 -9.76 -18.84 -4.49
N THR A 37 -10.53 -18.64 -3.41
CA THR A 37 -11.87 -19.23 -3.20
C THR A 37 -12.88 -18.84 -4.32
N LYS A 38 -14.05 -19.52 -4.35
CA LYS A 38 -15.11 -19.24 -5.33
C LYS A 38 -15.57 -17.78 -5.23
N GLN A 39 -15.80 -17.31 -3.99
CA GLN A 39 -16.24 -15.95 -3.66
C GLN A 39 -15.16 -14.90 -4.01
N ASP A 40 -13.88 -15.26 -3.81
CA ASP A 40 -12.72 -14.40 -4.06
C ASP A 40 -12.53 -14.02 -5.53
N SER A 41 -12.91 -14.91 -6.46
CA SER A 41 -12.65 -14.64 -7.88
C SER A 41 -13.89 -14.62 -8.77
N LEU A 42 -15.07 -15.03 -8.26
CA LEU A 42 -16.34 -15.08 -9.00
C LEU A 42 -16.40 -16.25 -10.02
N SER A 43 -15.40 -16.32 -10.92
CA SER A 43 -15.23 -17.41 -11.90
C SER A 43 -13.92 -18.15 -11.57
N SER A 44 -13.81 -19.43 -11.96
CA SER A 44 -12.65 -20.26 -11.61
C SER A 44 -11.26 -19.74 -12.05
N VAL A 45 -10.29 -19.70 -11.11
CA VAL A 45 -8.92 -19.34 -11.43
C VAL A 45 -8.27 -20.61 -11.93
N ARG A 46 -7.66 -20.58 -13.11
CA ARG A 46 -7.06 -21.78 -13.70
C ARG A 46 -5.55 -21.84 -13.49
N ARG A 47 -4.87 -20.69 -13.52
CA ARG A 47 -3.42 -20.67 -13.37
C ARG A 47 -2.95 -19.46 -12.60
N TYR A 48 -1.78 -19.56 -11.99
CA TYR A 48 -1.13 -18.43 -11.32
C TYR A 48 0.15 -18.12 -12.06
N VAL A 49 0.50 -16.84 -12.13
CA VAL A 49 1.71 -16.40 -12.79
C VAL A 49 2.51 -15.56 -11.80
N VAL A 50 3.81 -15.80 -11.72
CA VAL A 50 4.67 -15.00 -10.89
C VAL A 50 5.45 -14.09 -11.83
N LYS A 51 5.27 -12.78 -11.69
CA LYS A 51 5.98 -11.83 -12.53
C LYS A 51 7.07 -11.19 -11.67
N HIS A 52 8.28 -11.21 -12.18
CA HIS A 52 9.46 -10.69 -11.52
C HIS A 52 9.91 -9.38 -12.16
N ARG A 53 10.57 -8.53 -11.38
CA ARG A 53 11.25 -7.36 -11.93
C ARG A 53 12.48 -7.01 -11.11
N THR A 54 13.61 -6.84 -11.79
CA THR A 54 14.84 -6.35 -11.21
C THR A 54 15.37 -5.26 -12.15
N ALA A 55 16.15 -4.34 -11.60
CA ALA A 55 16.71 -3.24 -12.36
C ALA A 55 17.66 -3.67 -13.48
N HIS A 56 18.34 -4.84 -13.36
CA HIS A 56 19.29 -5.22 -14.40
C HIS A 56 18.91 -6.47 -15.19
N ASN A 57 17.92 -7.24 -14.75
CA ASN A 57 17.43 -8.35 -15.56
C ASN A 57 16.09 -8.03 -16.24
N GLY A 58 15.49 -6.87 -15.96
CA GLY A 58 14.22 -6.50 -16.52
C GLY A 58 13.09 -7.25 -15.87
N THR A 59 12.03 -7.54 -16.64
CA THR A 59 10.89 -8.26 -16.11
C THR A 59 10.68 -9.59 -16.86
N TRP A 60 10.33 -10.65 -16.11
CA TRP A 60 10.06 -11.97 -16.68
C TRP A 60 8.95 -12.66 -15.88
N SER A 61 8.14 -13.50 -16.53
CA SER A 61 7.01 -14.15 -15.87
C SER A 61 7.12 -15.67 -15.90
N GLU A 62 6.72 -16.34 -14.81
CA GLU A 62 6.76 -17.79 -14.71
C GLU A 62 5.35 -18.31 -14.50
N ASP A 63 4.94 -19.24 -15.33
CA ASP A 63 3.63 -19.87 -15.19
C ASP A 63 3.79 -20.98 -14.17
N VAL A 64 2.99 -20.98 -13.11
CA VAL A 64 3.08 -22.07 -12.13
C VAL A 64 1.83 -22.97 -12.13
N GLY A 65 0.96 -22.84 -13.12
CA GLY A 65 -0.25 -23.66 -13.22
C GLY A 65 -1.16 -23.48 -12.02
N ASN A 66 -1.69 -24.58 -11.52
CA ASN A 66 -2.60 -24.59 -10.38
C ASN A 66 -1.90 -24.61 -9.00
N ARG A 67 -0.58 -24.44 -8.95
CA ARG A 67 0.18 -24.50 -7.71
C ARG A 67 0.04 -23.24 -6.85
N THR A 68 0.35 -23.36 -5.56
CA THR A 68 0.23 -22.26 -4.61
C THR A 68 1.56 -21.84 -3.99
N GLN A 69 2.67 -22.17 -4.66
CA GLN A 69 3.98 -21.73 -4.23
C GLN A 69 4.92 -21.67 -5.43
N LEU A 70 5.99 -20.88 -5.30
CA LEU A 70 6.97 -20.78 -6.34
C LEU A 70 8.30 -20.44 -5.69
N THR A 71 9.35 -21.24 -5.96
CA THR A 71 10.68 -20.96 -5.43
C THR A 71 11.57 -20.40 -6.53
N PHE A 72 12.29 -19.31 -6.20
CA PHE A 72 13.23 -18.67 -7.12
C PHE A 72 14.50 -18.27 -6.35
N LEU A 73 15.61 -18.16 -7.06
CA LEU A 73 16.86 -17.74 -6.48
C LEU A 73 16.94 -16.21 -6.51
N TRP A 74 16.94 -15.56 -5.34
CA TRP A 74 17.09 -14.10 -5.23
C TRP A 74 18.58 -13.74 -5.04
N THR A 75 19.15 -12.94 -5.96
CA THR A 75 20.55 -12.54 -5.90
C THR A 75 20.78 -11.03 -6.15
N GLU A 76 19.76 -10.33 -6.67
CA GLU A 76 19.88 -8.93 -7.10
C GLU A 76 19.70 -7.92 -5.95
N PRO A 77 20.22 -6.67 -6.09
CA PRO A 77 20.05 -5.67 -5.01
C PRO A 77 18.58 -5.46 -4.58
N ALA A 78 17.65 -5.55 -5.53
CA ALA A 78 16.21 -5.48 -5.23
C ALA A 78 15.47 -6.32 -6.26
N HIS A 79 14.45 -7.03 -5.82
CA HIS A 79 13.76 -7.95 -6.69
C HIS A 79 12.27 -7.86 -6.31
N THR A 80 11.43 -7.36 -7.23
CA THR A 80 10.00 -7.28 -6.97
C THR A 80 9.31 -8.48 -7.58
N VAL A 81 8.30 -8.99 -6.88
CA VAL A 81 7.49 -10.07 -7.40
C VAL A 81 6.00 -9.69 -7.27
N THR A 82 5.19 -10.13 -8.25
CA THR A 82 3.76 -9.91 -8.26
C THR A 82 3.15 -11.29 -8.60
N VAL A 83 2.06 -11.66 -7.91
CA VAL A 83 1.39 -12.92 -8.24
C VAL A 83 0.05 -12.57 -8.87
N LEU A 84 -0.16 -13.08 -10.09
CA LEU A 84 -1.39 -12.85 -10.85
C LEU A 84 -2.23 -14.14 -10.88
N ALA A 85 -3.56 -14.00 -10.90
CA ALA A 85 -4.51 -15.10 -11.03
C ALA A 85 -5.03 -15.02 -12.49
N VAL A 86 -5.06 -16.14 -13.20
CA VAL A 86 -5.45 -16.15 -14.61
C VAL A 86 -6.55 -17.14 -14.92
N ASN A 87 -7.43 -16.76 -15.84
CA ASN A 87 -8.43 -17.63 -16.46
C ASN A 87 -8.58 -17.25 -17.95
N SER A 88 -9.47 -17.94 -18.68
CA SER A 88 -9.64 -17.72 -20.11
C SER A 88 -9.93 -16.27 -20.51
N LEU A 89 -10.46 -15.46 -19.58
CA LEU A 89 -10.75 -14.06 -19.90
C LEU A 89 -9.53 -13.14 -19.68
N GLY A 90 -8.52 -13.62 -18.96
CA GLY A 90 -7.32 -12.86 -18.73
C GLY A 90 -6.76 -12.97 -17.34
N ALA A 91 -5.70 -12.21 -17.10
CA ALA A 91 -5.00 -12.11 -15.86
C ALA A 91 -5.64 -11.02 -14.99
N SER A 92 -5.53 -11.16 -13.66
CA SER A 92 -6.02 -10.14 -12.73
C SER A 92 -5.26 -8.84 -12.98
N LEU A 93 -5.99 -7.72 -13.10
CA LEU A 93 -5.37 -6.43 -13.42
C LEU A 93 -4.64 -5.86 -12.21
N VAL A 94 -5.25 -5.96 -11.03
CA VAL A 94 -4.65 -5.41 -9.82
C VAL A 94 -4.16 -6.52 -8.90
N ASN A 95 -2.89 -6.45 -8.54
CA ASN A 95 -2.25 -7.53 -7.77
C ASN A 95 -1.41 -7.03 -6.63
N PHE A 96 -1.15 -7.90 -5.67
CA PHE A 96 -0.25 -7.58 -4.56
C PHE A 96 1.17 -7.71 -5.09
N GLN A 97 2.10 -7.05 -4.42
CA GLN A 97 3.51 -7.05 -4.80
C GLN A 97 4.36 -7.08 -3.55
N LEU A 98 5.52 -7.73 -3.66
CA LEU A 98 6.47 -7.78 -2.56
C LEU A 98 7.83 -7.49 -3.18
N THR A 99 8.59 -6.63 -2.54
CA THR A 99 9.92 -6.33 -2.99
C THR A 99 10.93 -6.85 -1.95
N PHE A 100 11.92 -7.62 -2.40
CA PHE A 100 12.97 -8.15 -1.54
C PHE A 100 14.20 -7.24 -1.69
N SER A 101 14.61 -6.63 -0.58
CA SER A 101 15.74 -5.72 -0.50
C SER A 101 16.36 -5.87 0.86
N TRP A 102 17.59 -6.33 0.90
CA TRP A 102 18.29 -6.50 2.18
C TRP A 102 18.38 -5.18 2.98
N PRO A 103 18.70 -4.01 2.38
CA PRO A 103 18.69 -2.76 3.17
C PRO A 103 17.34 -2.45 3.82
N MET A 104 16.24 -2.75 3.11
CA MET A 104 14.91 -2.56 3.65
C MET A 104 14.61 -3.48 4.83
N SER A 105 15.20 -4.68 4.85
CA SER A 105 15.01 -5.61 5.96
C SER A 105 15.52 -5.04 7.30
N LYS A 106 16.32 -3.96 7.28
CA LYS A 106 16.86 -3.30 8.50
C LYS A 106 16.00 -2.08 8.92
N VAL A 107 14.88 -1.82 8.20
CA VAL A 107 14.00 -0.69 8.48
C VAL A 107 12.82 -1.14 9.31
N SER A 108 12.68 -0.59 10.53
N SER A 108 12.67 -0.59 10.51
CA SER A 108 11.58 -0.95 11.43
CA SER A 108 11.56 -0.98 11.38
C SER A 108 10.35 -0.03 11.28
C SER A 108 10.31 -0.08 11.18
N ALA A 109 9.17 -0.48 11.76
CA ALA A 109 7.95 0.32 11.74
C ALA A 109 7.09 -0.05 12.95
N VAL A 110 7.17 -1.29 13.48
CA VAL A 110 6.35 -1.70 14.63
C VAL A 110 7.03 -1.25 15.93
N GLU A 111 6.37 -0.37 16.71
CA GLU A 111 6.95 0.21 17.93
C GLU A 111 6.75 -0.68 19.13
N SER A 112 5.53 -1.18 19.31
CA SER A 112 5.20 -2.08 20.39
C SER A 112 4.30 -3.19 19.83
N LEU A 113 4.34 -4.36 20.46
CA LEU A 113 3.58 -5.50 19.99
C LEU A 113 3.19 -6.36 21.19
N SER A 114 1.92 -6.71 21.23
CA SER A 114 1.33 -7.55 22.27
C SER A 114 0.49 -8.64 21.64
N ALA A 115 0.36 -9.76 22.32
CA ALA A 115 -0.48 -10.86 21.85
C ALA A 115 -1.20 -11.44 23.06
N TYR A 116 -2.55 -11.48 23.01
CA TYR A 116 -3.33 -11.99 24.14
C TYR A 116 -4.07 -13.23 23.76
N PRO A 117 -3.85 -14.32 24.50
CA PRO A 117 -4.60 -15.57 24.22
C PRO A 117 -6.01 -15.44 24.77
N LEU A 118 -6.95 -14.95 23.95
CA LEU A 118 -8.35 -14.78 24.35
C LEU A 118 -9.06 -16.13 24.59
N SER A 119 -8.66 -17.16 23.83
CA SER A 119 -9.15 -18.55 23.95
C SER A 119 -8.03 -19.51 23.46
N SER A 120 -8.24 -20.85 23.49
CA SER A 120 -7.19 -21.78 23.03
C SER A 120 -6.98 -21.75 21.52
N SER A 121 -7.89 -21.13 20.76
CA SER A 121 -7.75 -21.05 19.30
C SER A 121 -7.83 -19.61 18.76
N CSO A 122 -7.79 -18.61 19.63
CA CSO A 122 -7.89 -17.22 19.18
CB CSO A 122 -9.32 -16.71 19.27
SG CSO A 122 -9.49 -15.00 18.64
C CSO A 122 -6.94 -16.31 19.93
O CSO A 122 -7.03 -16.18 21.14
OD CSO A 122 -9.33 -15.46 17.15
N VAL A 123 -6.04 -15.64 19.19
CA VAL A 123 -5.09 -14.73 19.79
C VAL A 123 -5.32 -13.33 19.24
N ILE A 124 -5.40 -12.30 20.11
CA ILE A 124 -5.48 -10.93 19.60
C ILE A 124 -4.09 -10.32 19.57
N LEU A 125 -3.71 -9.80 18.43
CA LEU A 125 -2.45 -9.11 18.27
C LEU A 125 -2.74 -7.63 18.35
N SER A 126 -1.96 -6.86 19.09
CA SER A 126 -2.13 -5.40 19.11
C SER A 126 -0.79 -4.69 18.99
N TRP A 127 -0.75 -3.56 18.27
CA TRP A 127 0.50 -2.89 18.03
C TRP A 127 0.34 -1.39 17.77
N THR A 128 1.46 -0.70 17.81
CA THR A 128 1.57 0.69 17.44
C THR A 128 2.68 0.76 16.40
N LEU A 129 2.56 1.73 15.50
CA LEU A 129 3.51 1.97 14.45
C LEU A 129 4.28 3.25 14.72
N SER A 130 5.52 3.32 14.23
CA SER A 130 6.36 4.50 14.38
C SER A 130 5.95 5.55 13.34
N PRO A 131 6.17 6.86 13.58
CA PRO A 131 5.85 7.86 12.54
C PRO A 131 6.78 7.66 11.35
N ASP A 132 6.28 6.99 10.31
CA ASP A 132 6.98 6.55 9.11
C ASP A 132 7.55 7.64 8.16
N ASP A 133 8.43 7.20 7.24
CA ASP A 133 9.02 7.94 6.12
C ASP A 133 8.87 7.05 4.86
N TYR A 134 9.18 5.76 5.00
CA TYR A 134 8.95 4.79 3.93
C TYR A 134 7.42 4.53 3.91
N SER A 135 6.86 4.15 2.74
CA SER A 135 5.40 3.95 2.66
C SER A 135 4.94 2.54 2.96
N LEU A 136 4.22 2.34 4.08
CA LEU A 136 3.72 1.04 4.48
C LEU A 136 2.53 0.63 3.57
N LEU A 137 2.59 -0.57 3.01
CA LEU A 137 1.56 -1.12 2.14
C LEU A 137 0.58 -1.91 3.02
N TYR A 138 1.11 -2.79 3.90
CA TYR A 138 0.37 -3.59 4.86
C TYR A 138 1.37 -4.34 5.75
N LEU A 139 0.85 -5.20 6.62
CA LEU A 139 1.69 -5.99 7.50
C LEU A 139 1.42 -7.47 7.27
N VAL A 140 2.36 -8.32 7.67
CA VAL A 140 2.14 -9.75 7.61
C VAL A 140 2.53 -10.33 8.97
N ILE A 141 1.61 -11.07 9.60
CA ILE A 141 1.94 -11.76 10.83
C ILE A 141 2.40 -13.17 10.48
N GLU A 142 3.55 -13.57 11.00
CA GLU A 142 4.00 -14.96 10.94
C GLU A 142 3.89 -15.52 12.35
N TRP A 143 3.53 -16.80 12.48
CA TRP A 143 3.57 -17.46 13.78
C TRP A 143 4.03 -18.90 13.61
N LYS A 144 4.79 -19.41 14.59
CA LYS A 144 5.30 -20.78 14.58
C LYS A 144 5.70 -21.17 16.02
N ILE A 145 6.03 -22.44 16.24
CA ILE A 145 6.42 -22.92 17.55
C ILE A 145 7.84 -22.44 17.88
N LEU A 146 8.04 -21.88 19.09
CA LEU A 146 9.35 -21.38 19.51
C LEU A 146 10.44 -22.45 19.40
N ASN A 147 11.62 -22.06 18.91
CA ASN A 147 12.79 -22.95 18.76
C ASN A 147 12.59 -24.08 17.74
N GLU A 148 11.63 -23.92 16.81
CA GLU A 148 11.40 -24.91 15.76
C GLU A 148 11.89 -24.39 14.41
N ASP A 149 12.08 -25.29 13.42
CA ASP A 149 12.57 -24.85 12.11
C ASP A 149 11.43 -24.36 11.19
N ASP A 150 10.46 -25.23 10.80
CA ASP A 150 9.36 -24.77 9.96
C ASP A 150 8.03 -24.69 10.79
N GLY A 151 6.90 -25.12 10.22
CA GLY A 151 5.62 -25.00 10.91
C GLY A 151 5.06 -23.58 10.88
N MET A 152 5.67 -22.66 10.11
CA MET A 152 5.21 -21.28 10.01
C MET A 152 3.84 -21.13 9.30
N LYS A 153 3.00 -20.29 9.89
CA LYS A 153 1.73 -19.91 9.30
C LYS A 153 1.76 -18.38 9.17
N TRP A 154 0.99 -17.83 8.24
CA TRP A 154 0.97 -16.39 8.06
C TRP A 154 -0.41 -15.87 7.66
N LEU A 155 -0.64 -14.58 7.89
CA LEU A 155 -1.85 -13.88 7.45
C LEU A 155 -1.47 -12.45 7.15
N ARG A 156 -2.08 -11.88 6.11
N ARG A 156 -2.09 -11.88 6.11
CA ARG A 156 -1.85 -10.48 5.79
CA ARG A 156 -1.87 -10.47 5.77
C ARG A 156 -2.80 -9.63 6.62
C ARG A 156 -2.81 -9.62 6.60
N ILE A 157 -2.31 -8.51 7.15
CA ILE A 157 -3.08 -7.60 7.97
C ILE A 157 -3.11 -6.23 7.29
N PRO A 158 -4.28 -5.60 7.15
CA PRO A 158 -4.33 -4.22 6.63
C PRO A 158 -3.54 -3.26 7.51
N SER A 159 -2.83 -2.28 6.93
CA SER A 159 -2.08 -1.31 7.74
C SER A 159 -3.01 -0.34 8.48
N ASN A 160 -4.30 -0.25 8.09
CA ASN A 160 -5.28 0.66 8.71
C ASN A 160 -5.83 0.19 10.05
N VAL A 161 -5.42 -0.98 10.53
CA VAL A 161 -5.90 -1.47 11.83
C VAL A 161 -4.72 -1.53 12.82
N LYS A 162 -5.03 -1.53 14.11
CA LYS A 162 -4.00 -1.67 15.15
C LYS A 162 -4.18 -2.94 16.00
N LYS A 163 -5.06 -3.83 15.56
CA LYS A 163 -5.37 -5.09 16.24
C LYS A 163 -5.82 -6.07 15.19
N PHE A 164 -5.60 -7.35 15.47
CA PHE A 164 -5.91 -8.38 14.51
C PHE A 164 -6.15 -9.69 15.25
N TYR A 165 -7.20 -10.42 14.87
CA TYR A 165 -7.50 -11.70 15.54
C TYR A 165 -6.96 -12.87 14.70
N ILE A 166 -6.09 -13.70 15.31
CA ILE A 166 -5.51 -14.87 14.66
C ILE A 166 -6.24 -16.14 15.11
N HIS A 167 -6.93 -16.81 14.19
CA HIS A 167 -7.66 -18.04 14.48
C HIS A 167 -6.75 -19.24 14.09
N ASP A 168 -6.46 -20.16 15.02
CA ASP A 168 -5.59 -21.32 14.69
C ASP A 168 -5.77 -22.48 15.65
N ASN A 169 -5.53 -23.72 15.19
CA ASN A 169 -5.59 -24.90 16.05
C ASN A 169 -4.21 -24.97 16.71
N PHE A 170 -3.92 -23.99 17.58
CA PHE A 170 -2.65 -23.87 18.29
C PHE A 170 -2.36 -25.10 19.14
N ILE A 171 -1.07 -25.46 19.30
CA ILE A 171 -0.68 -26.54 20.21
C ILE A 171 -0.46 -25.80 21.52
N PRO A 172 -1.41 -25.91 22.46
CA PRO A 172 -1.35 -25.13 23.70
C PRO A 172 -0.11 -25.29 24.59
N ILE A 173 0.49 -26.48 24.60
CA ILE A 173 1.68 -26.72 25.44
C ILE A 173 2.95 -26.04 24.89
N GLU A 174 2.95 -25.67 23.61
CA GLU A 174 4.11 -25.03 23.01
C GLU A 174 3.97 -23.54 23.05
N LYS A 175 5.06 -22.84 23.31
CA LYS A 175 5.05 -21.39 23.26
C LYS A 175 5.20 -21.04 21.77
N TYR A 176 4.49 -20.02 21.32
CA TYR A 176 4.53 -19.59 19.93
C TYR A 176 5.29 -18.30 19.79
N GLN A 177 5.86 -18.08 18.63
CA GLN A 177 6.64 -16.90 18.34
C GLN A 177 5.85 -16.17 17.26
N PHE A 178 5.52 -14.91 17.51
CA PHE A 178 4.76 -14.06 16.61
C PHE A 178 5.69 -12.99 16.03
N SER A 179 5.83 -12.98 14.71
CA SER A 179 6.70 -12.04 14.00
C SER A 179 5.86 -11.15 13.11
N LEU A 180 5.68 -9.90 13.52
CA LEU A 180 4.90 -8.95 12.73
C LEU A 180 5.79 -8.16 11.79
N TYR A 181 5.64 -8.41 10.51
CA TYR A 181 6.45 -7.80 9.49
C TYR A 181 5.79 -6.62 8.85
N PRO A 182 6.48 -5.47 8.77
CA PRO A 182 5.92 -4.36 7.98
C PRO A 182 6.31 -4.57 6.51
N VAL A 183 5.39 -4.34 5.58
CA VAL A 183 5.66 -4.46 4.17
C VAL A 183 5.61 -3.06 3.57
N PHE A 184 6.78 -2.50 3.25
CA PHE A 184 6.82 -1.16 2.64
C PHE A 184 6.81 -1.29 1.12
N MET A 185 6.45 -0.20 0.41
CA MET A 185 6.54 -0.11 -1.05
C MET A 185 7.98 -0.41 -1.49
N GLU A 186 8.94 0.10 -0.71
CA GLU A 186 10.36 -0.05 -0.98
C GLU A 186 10.84 -1.49 -0.74
N GLY A 187 10.10 -2.26 0.05
CA GLY A 187 10.42 -3.65 0.33
C GLY A 187 10.00 -4.15 1.70
N VAL A 188 10.09 -5.46 1.91
CA VAL A 188 9.77 -6.04 3.21
C VAL A 188 10.73 -5.51 4.28
N GLY A 189 10.19 -5.04 5.40
CA GLY A 189 10.99 -4.43 6.48
C GLY A 189 11.38 -5.33 7.63
N LYS A 190 11.91 -4.74 8.69
CA LYS A 190 12.33 -5.43 9.90
C LYS A 190 11.10 -5.78 10.75
N PRO A 191 10.90 -7.04 11.16
CA PRO A 191 9.72 -7.34 11.98
C PRO A 191 9.90 -6.95 13.45
N LYS A 192 8.81 -7.06 14.22
CA LYS A 192 8.82 -6.97 15.69
C LYS A 192 8.36 -8.37 16.12
N ILE A 193 9.07 -8.98 17.07
CA ILE A 193 8.80 -10.36 17.45
C ILE A 193 8.53 -10.51 18.94
N ILE A 194 7.47 -11.24 19.28
CA ILE A 194 7.18 -11.54 20.68
C ILE A 194 6.90 -13.02 20.81
N ASN A 195 7.22 -13.61 21.96
CA ASN A 195 6.93 -15.02 22.21
C ASN A 195 5.79 -15.08 23.22
N GLY A 196 4.92 -16.07 23.08
CA GLY A 196 3.81 -16.22 24.00
C GLY A 196 3.05 -17.53 23.88
N PHE A 197 2.47 -17.97 24.99
CA PHE A 197 1.61 -19.14 24.99
C PHE A 197 0.26 -18.76 24.34
N THR A 198 -0.51 -19.76 23.93
CA THR A 198 -1.78 -19.53 23.28
C THR A 198 -2.93 -20.10 24.14
N GLY B 3 24.97 5.10 -2.88
CA GLY B 3 26.22 4.95 -3.62
C GLY B 3 26.71 3.52 -3.64
N ASP B 4 26.44 2.76 -2.57
CA ASP B 4 26.80 1.34 -2.45
C ASP B 4 25.60 0.57 -1.85
N VAL B 5 25.38 0.63 -0.51
CA VAL B 5 24.19 0.01 0.11
C VAL B 5 23.03 0.92 -0.24
N LYS B 6 22.05 0.41 -0.99
CA LYS B 6 20.95 1.26 -1.43
C LYS B 6 19.59 0.61 -1.33
N VAL B 7 18.62 1.37 -0.86
CA VAL B 7 17.22 0.95 -0.87
C VAL B 7 16.68 1.23 -2.31
N PRO B 8 15.64 0.51 -2.80
CA PRO B 8 15.16 0.78 -4.17
C PRO B 8 14.70 2.23 -4.34
N MET B 9 14.90 2.78 -5.54
N MET B 9 14.92 2.80 -5.54
CA MET B 9 14.49 4.17 -5.81
CA MET B 9 14.52 4.18 -5.82
C MET B 9 12.97 4.23 -5.94
C MET B 9 12.98 4.25 -5.96
N ARG B 10 12.37 5.33 -5.45
CA ARG B 10 10.92 5.47 -5.49
C ARG B 10 10.42 6.59 -6.41
N GLY B 11 9.36 6.30 -7.14
CA GLY B 11 8.73 7.30 -8.00
C GLY B 11 7.97 8.32 -7.16
N PRO B 12 7.52 9.43 -7.77
CA PRO B 12 6.77 10.43 -6.98
C PRO B 12 5.34 10.06 -6.56
N GLU B 13 4.88 10.66 -5.44
CA GLU B 13 3.45 10.56 -5.05
C GLU B 13 2.69 11.36 -6.09
N PHE B 14 1.52 10.88 -6.51
CA PHE B 14 0.75 11.64 -7.50
C PHE B 14 -0.75 11.55 -7.28
N TRP B 15 -1.45 12.52 -7.83
CA TRP B 15 -2.89 12.54 -7.75
C TRP B 15 -3.45 12.88 -9.14
N ARG B 16 -4.69 13.36 -9.24
CA ARG B 16 -5.29 13.64 -10.52
C ARG B 16 -6.37 14.68 -10.45
N LYS B 17 -6.66 15.26 -11.59
CA LYS B 17 -7.83 16.06 -11.79
C LYS B 17 -8.40 15.56 -13.12
N MET B 18 -9.72 15.70 -13.32
CA MET B 18 -10.34 15.26 -14.57
C MET B 18 -11.08 16.37 -15.28
N ASP B 19 -11.37 16.16 -16.56
CA ASP B 19 -12.19 17.06 -17.37
C ASP B 19 -13.04 16.23 -18.32
N GLY B 20 -14.16 16.80 -18.72
CA GLY B 20 -15.08 16.17 -19.65
C GLY B 20 -16.50 16.17 -19.10
N ASP B 21 -17.41 15.77 -19.94
CA ASP B 21 -18.81 15.64 -19.66
C ASP B 21 -19.00 14.57 -18.57
N VAL B 22 -19.51 14.97 -17.40
CA VAL B 22 -19.66 14.03 -16.28
C VAL B 22 -20.73 12.94 -16.51
N THR B 23 -21.52 13.03 -17.59
CA THR B 23 -22.52 12.02 -17.90
C THR B 23 -21.97 10.90 -18.83
N LYS B 24 -20.70 11.01 -19.28
CA LYS B 24 -20.11 9.99 -20.13
C LYS B 24 -18.93 9.31 -19.41
N LYS B 25 -18.66 8.04 -19.76
CA LYS B 25 -17.59 7.29 -19.07
C LYS B 25 -16.17 7.80 -19.42
N GLU B 26 -15.96 8.31 -20.65
CA GLU B 26 -14.65 8.79 -21.13
C GLU B 26 -14.29 10.04 -20.36
N ARG B 27 -13.01 10.22 -20.08
CA ARG B 27 -12.59 11.37 -19.31
C ARG B 27 -11.13 11.72 -19.60
N ASN B 28 -10.80 13.01 -19.73
CA ASN B 28 -9.41 13.40 -19.84
C ASN B 28 -8.88 13.49 -18.40
N VAL B 29 -7.90 12.67 -18.07
CA VAL B 29 -7.34 12.61 -16.74
C VAL B 29 -5.98 13.26 -16.73
N THR B 30 -5.78 14.28 -15.88
CA THR B 30 -4.46 14.91 -15.77
C THR B 30 -3.83 14.45 -14.45
N LEU B 31 -2.78 13.63 -14.53
CA LEU B 31 -2.02 13.16 -13.36
C LEU B 31 -1.21 14.35 -12.85
N LEU B 32 -1.08 14.51 -11.54
CA LEU B 32 -0.40 15.66 -10.95
C LEU B 32 0.62 15.22 -9.90
N TRP B 33 1.85 15.71 -9.97
CA TRP B 33 2.85 15.40 -8.95
C TRP B 33 3.75 16.59 -8.66
N LYS B 34 4.43 16.59 -7.52
CA LYS B 34 5.37 17.67 -7.19
C LYS B 34 6.75 17.18 -7.58
N PRO B 35 7.66 18.06 -8.03
CA PRO B 35 9.00 17.59 -8.40
C PRO B 35 9.70 16.99 -7.19
N LEU B 36 10.32 15.81 -7.35
CA LEU B 36 11.04 15.13 -6.26
C LEU B 36 12.13 16.04 -5.68
N THR B 37 12.20 16.15 -4.35
CA THR B 37 13.18 17.00 -3.69
C THR B 37 14.58 16.32 -3.62
N LYS B 38 15.61 17.01 -3.10
CA LYS B 38 16.94 16.41 -2.95
C LYS B 38 16.89 15.25 -1.94
N GLN B 39 16.03 15.36 -0.91
CA GLN B 39 15.82 14.34 0.11
C GLN B 39 15.22 13.05 -0.47
N ASP B 40 14.44 13.17 -1.57
CA ASP B 40 13.80 12.05 -2.25
C ASP B 40 14.72 11.27 -3.20
N SER B 41 15.64 11.96 -3.90
CA SER B 41 16.46 11.29 -4.92
C SER B 41 17.97 11.38 -4.78
N LEU B 42 18.51 12.45 -4.15
CA LEU B 42 19.97 12.69 -3.99
C LEU B 42 20.66 13.15 -5.26
N SER B 43 20.18 12.69 -6.41
CA SER B 43 20.71 13.06 -7.72
C SER B 43 19.57 13.59 -8.59
N SER B 44 19.90 14.51 -9.50
CA SER B 44 18.94 15.17 -10.38
C SER B 44 18.00 14.24 -11.14
N VAL B 45 16.70 14.42 -10.92
CA VAL B 45 15.71 13.65 -11.66
C VAL B 45 15.66 14.25 -13.05
N ARG B 46 16.06 13.47 -14.05
CA ARG B 46 16.10 13.93 -15.43
C ARG B 46 14.70 13.95 -16.04
N ARG B 47 13.88 12.90 -15.83
CA ARG B 47 12.55 12.85 -16.42
C ARG B 47 11.58 11.94 -15.72
N TYR B 48 10.28 12.12 -16.00
CA TYR B 48 9.23 11.27 -15.44
C TYR B 48 8.58 10.46 -16.56
N VAL B 49 8.26 9.21 -16.27
CA VAL B 49 7.61 8.34 -17.23
C VAL B 49 6.30 7.85 -16.62
N VAL B 50 5.20 7.96 -17.36
CA VAL B 50 3.92 7.43 -16.88
C VAL B 50 3.73 6.07 -17.55
N LYS B 51 3.49 5.03 -16.78
CA LYS B 51 3.24 3.69 -17.30
C LYS B 51 1.75 3.42 -17.19
N HIS B 52 1.16 2.92 -18.26
CA HIS B 52 -0.27 2.65 -18.30
C HIS B 52 -0.48 1.16 -18.37
N ARG B 53 -1.55 0.67 -17.74
CA ARG B 53 -1.89 -0.74 -17.81
C ARG B 53 -3.38 -0.94 -17.87
N THR B 54 -3.86 -1.65 -18.89
CA THR B 54 -5.27 -1.95 -19.06
C THR B 54 -5.46 -3.44 -19.36
N ALA B 55 -6.66 -3.96 -19.07
CA ALA B 55 -6.92 -5.38 -19.28
C ALA B 55 -6.95 -5.73 -20.75
N HIS B 56 -7.48 -4.85 -21.59
CA HIS B 56 -7.59 -5.16 -23.02
C HIS B 56 -7.00 -4.11 -23.95
N ASN B 57 -6.67 -2.90 -23.48
CA ASN B 57 -6.10 -1.88 -24.34
C ASN B 57 -4.54 -1.79 -24.25
N GLY B 58 -3.91 -2.82 -23.69
CA GLY B 58 -2.46 -2.94 -23.59
C GLY B 58 -1.76 -2.23 -22.44
N THR B 59 -0.43 -2.25 -22.48
CA THR B 59 0.46 -1.61 -21.52
C THR B 59 1.43 -0.74 -22.32
N TRP B 60 1.52 0.54 -21.99
CA TRP B 60 2.40 1.46 -22.72
C TRP B 60 2.97 2.58 -21.81
N SER B 61 3.87 3.44 -22.33
CA SER B 61 4.46 4.50 -21.50
C SER B 61 4.51 5.88 -22.18
N GLU B 62 4.64 6.94 -21.36
CA GLU B 62 4.73 8.31 -21.85
C GLU B 62 5.85 9.06 -21.13
N ASP B 63 6.79 9.62 -21.90
N ASP B 63 6.82 9.61 -21.88
CA ASP B 63 7.87 10.40 -21.34
CA ASP B 63 7.96 10.35 -21.29
C ASP B 63 7.38 11.84 -21.31
C ASP B 63 7.67 11.86 -21.32
N VAL B 64 7.44 12.47 -20.14
CA VAL B 64 7.07 13.89 -20.06
C VAL B 64 8.23 14.81 -19.68
N GLY B 65 9.47 14.34 -19.77
CA GLY B 65 10.62 15.14 -19.38
C GLY B 65 10.55 15.61 -17.94
N ASN B 66 10.96 16.85 -17.70
CA ASN B 66 10.91 17.44 -16.37
C ASN B 66 9.53 18.02 -16.00
N ARG B 67 8.45 17.61 -16.70
CA ARG B 67 7.10 18.12 -16.38
C ARG B 67 6.52 17.42 -15.15
N THR B 68 5.62 18.11 -14.43
CA THR B 68 5.04 17.51 -13.23
C THR B 68 3.54 17.24 -13.39
N GLN B 69 3.13 16.86 -14.61
CA GLN B 69 1.75 16.49 -14.95
C GLN B 69 1.67 15.76 -16.30
N LEU B 70 0.57 15.01 -16.53
CA LEU B 70 0.35 14.29 -17.78
C LEU B 70 -1.15 14.09 -17.99
N THR B 71 -1.67 14.52 -19.14
CA THR B 71 -3.07 14.32 -19.47
C THR B 71 -3.21 13.16 -20.47
N PHE B 72 -4.10 12.24 -20.17
CA PHE B 72 -4.37 11.09 -21.04
C PHE B 72 -5.89 10.86 -21.11
N LEU B 73 -6.35 10.12 -22.10
CA LEU B 73 -7.76 9.83 -22.26
C LEU B 73 -8.10 8.47 -21.64
N TRP B 74 -8.92 8.47 -20.59
CA TRP B 74 -9.36 7.26 -19.89
C TRP B 74 -10.68 6.82 -20.53
N THR B 75 -10.72 5.59 -21.07
CA THR B 75 -11.91 5.05 -21.72
C THR B 75 -12.28 3.63 -21.28
N GLU B 76 -11.33 2.93 -20.66
CA GLU B 76 -11.41 1.50 -20.34
C GLU B 76 -12.14 1.17 -19.03
N PRO B 77 -12.74 -0.05 -18.92
CA PRO B 77 -13.41 -0.43 -17.65
C PRO B 77 -12.55 -0.18 -16.39
N ALA B 78 -11.22 -0.35 -16.51
CA ALA B 78 -10.26 -0.02 -15.46
C ALA B 78 -8.95 0.36 -16.12
N HIS B 79 -8.28 1.38 -15.57
CA HIS B 79 -7.03 1.87 -16.15
C HIS B 79 -6.06 2.16 -15.03
N THR B 80 -4.94 1.42 -14.94
CA THR B 80 -3.95 1.68 -13.91
C THR B 80 -2.80 2.54 -14.43
N VAL B 81 -2.32 3.46 -13.61
CA VAL B 81 -1.16 4.28 -13.96
C VAL B 81 -0.15 4.22 -12.84
N THR B 82 1.12 4.39 -13.22
N THR B 82 1.14 4.32 -13.19
CA THR B 82 2.25 4.38 -12.33
CA THR B 82 2.24 4.42 -12.24
C THR B 82 3.21 5.49 -12.80
C THR B 82 3.17 5.51 -12.77
N VAL B 83 3.73 6.33 -11.88
CA VAL B 83 4.66 7.38 -12.29
C VAL B 83 6.08 7.05 -11.82
N LEU B 84 7.00 6.94 -12.78
CA LEU B 84 8.40 6.61 -12.51
C LEU B 84 9.25 7.86 -12.59
N ALA B 85 10.33 7.88 -11.83
CA ALA B 85 11.32 8.96 -11.90
C ALA B 85 12.56 8.33 -12.47
N VAL B 86 13.20 9.02 -13.38
CA VAL B 86 14.42 8.52 -14.00
C VAL B 86 15.50 9.51 -13.67
N ASN B 87 16.50 9.05 -12.90
CA ASN B 87 17.62 9.91 -12.53
C ASN B 87 18.91 9.39 -13.19
N SER B 88 20.10 9.77 -12.67
CA SER B 88 21.36 9.31 -13.25
C SER B 88 21.54 7.79 -13.09
N LEU B 89 21.05 7.23 -11.97
CA LEU B 89 21.15 5.79 -11.69
C LEU B 89 20.22 4.94 -12.60
N GLY B 90 19.12 5.51 -13.04
CA GLY B 90 18.16 4.81 -13.88
C GLY B 90 16.73 5.10 -13.46
N ALA B 91 15.81 4.17 -13.74
CA ALA B 91 14.39 4.34 -13.43
C ALA B 91 14.00 3.80 -12.06
N SER B 92 13.07 4.47 -11.37
CA SER B 92 12.65 4.02 -10.05
C SER B 92 11.98 2.64 -10.14
N LEU B 93 12.37 1.73 -9.25
CA LEU B 93 11.86 0.37 -9.24
C LEU B 93 10.49 0.29 -8.56
N VAL B 94 10.31 1.02 -7.45
CA VAL B 94 9.08 0.97 -6.68
C VAL B 94 8.32 2.28 -6.82
N ASN B 95 7.09 2.20 -7.29
CA ASN B 95 6.34 3.38 -7.63
C ASN B 95 4.91 3.30 -7.13
N PHE B 96 4.30 4.47 -6.94
CA PHE B 96 2.89 4.54 -6.52
C PHE B 96 2.01 4.17 -7.70
N GLN B 97 0.80 3.69 -7.44
CA GLN B 97 -0.14 3.36 -8.49
C GLN B 97 -1.51 3.96 -8.20
N LEU B 98 -2.27 4.21 -9.26
CA LEU B 98 -3.63 4.73 -9.16
C LEU B 98 -4.44 3.99 -10.20
N THR B 99 -5.58 3.43 -9.82
CA THR B 99 -6.44 2.75 -10.77
C THR B 99 -7.77 3.48 -10.87
N PHE B 100 -8.16 3.78 -12.10
CA PHE B 100 -9.40 4.48 -12.36
C PHE B 100 -10.47 3.45 -12.75
N SER B 101 -11.54 3.39 -11.96
CA SER B 101 -12.65 2.46 -12.16
C SER B 101 -13.94 3.15 -11.73
N TRP B 102 -14.90 3.31 -12.67
CA TRP B 102 -16.17 3.96 -12.33
C TRP B 102 -16.97 3.17 -11.27
N PRO B 103 -17.07 1.82 -11.31
CA PRO B 103 -17.77 1.10 -10.20
C PRO B 103 -17.09 1.34 -8.84
N MET B 104 -15.74 1.42 -8.81
CA MET B 104 -15.05 1.70 -7.54
C MET B 104 -15.33 3.12 -7.05
N SER B 105 -15.59 4.08 -7.96
CA SER B 105 -15.94 5.44 -7.53
C SER B 105 -17.26 5.49 -6.71
N LYS B 106 -18.04 4.39 -6.71
CA LYS B 106 -19.30 4.29 -5.98
C LYS B 106 -19.14 3.54 -4.64
N VAL B 107 -17.92 3.06 -4.32
CA VAL B 107 -17.63 2.35 -3.09
C VAL B 107 -17.10 3.32 -2.04
N SER B 108 -17.82 3.44 -0.94
CA SER B 108 -17.41 4.26 0.19
C SER B 108 -16.49 3.47 1.14
N ALA B 109 -15.75 4.19 1.98
CA ALA B 109 -14.90 3.59 3.00
C ALA B 109 -14.75 4.53 4.20
N VAL B 110 -14.79 5.85 3.97
CA VAL B 110 -14.67 6.83 5.03
C VAL B 110 -16.04 6.89 5.73
N GLU B 111 -16.11 6.49 7.00
CA GLU B 111 -17.39 6.47 7.74
C GLU B 111 -17.68 7.86 8.27
N SER B 112 -16.68 8.44 8.95
CA SER B 112 -16.80 9.76 9.52
C SER B 112 -15.59 10.58 9.08
N LEU B 113 -15.77 11.87 8.97
CA LEU B 113 -14.71 12.77 8.61
C LEU B 113 -14.89 14.05 9.40
N SER B 114 -13.83 14.50 10.08
N SER B 114 -13.84 14.51 10.08
CA SER B 114 -13.86 15.71 10.90
CA SER B 114 -13.89 15.74 10.86
C SER B 114 -12.63 16.57 10.65
C SER B 114 -12.64 16.57 10.66
N ALA B 115 -12.79 17.90 10.79
CA ALA B 115 -11.68 18.84 10.65
C ALA B 115 -11.69 19.73 11.90
N TYR B 116 -10.59 19.73 12.66
CA TYR B 116 -10.49 20.55 13.86
C TYR B 116 -9.35 21.51 13.69
N PRO B 117 -9.62 22.81 13.81
CA PRO B 117 -8.54 23.79 13.66
C PRO B 117 -7.72 23.91 14.95
N LEU B 118 -6.60 23.20 15.02
CA LEU B 118 -5.73 23.25 16.20
C LEU B 118 -5.17 24.67 16.40
N SER B 119 -4.81 25.31 15.29
CA SER B 119 -4.29 26.68 15.30
C SER B 119 -4.75 27.38 14.01
N SER B 120 -4.43 28.67 13.86
CA SER B 120 -4.81 29.39 12.65
C SER B 120 -4.17 28.79 11.38
N SER B 121 -3.09 28.01 11.53
CA SER B 121 -2.38 27.45 10.40
C SER B 121 -2.32 25.91 10.36
N CSO B 122 -3.04 25.24 11.26
CA CSO B 122 -2.95 23.79 11.31
CB CSO B 122 -1.80 23.48 12.28
SG CSO B 122 -1.53 21.74 12.56
C CSO B 122 -4.30 23.18 11.62
O CSO B 122 -4.93 23.49 12.63
OD CSO B 122 -0.59 21.33 11.35
N VAL B 123 -4.76 22.34 10.70
CA VAL B 123 -6.03 21.65 10.80
C VAL B 123 -5.75 20.15 10.98
N ILE B 124 -6.35 19.56 12.00
CA ILE B 124 -6.26 18.13 12.19
C ILE B 124 -7.48 17.50 11.52
N LEU B 125 -7.22 16.68 10.52
CA LEU B 125 -8.27 15.93 9.85
C LEU B 125 -8.31 14.56 10.52
N SER B 126 -9.50 14.08 10.91
N SER B 126 -9.49 14.08 10.89
CA SER B 126 -9.65 12.77 11.54
CA SER B 126 -9.63 12.76 11.51
C SER B 126 -10.77 11.98 10.86
C SER B 126 -10.77 11.99 10.88
N TRP B 127 -10.64 10.65 10.84
CA TRP B 127 -11.65 9.81 10.20
C TRP B 127 -11.63 8.39 10.73
N THR B 128 -12.68 7.64 10.39
CA THR B 128 -12.78 6.20 10.69
C THR B 128 -13.01 5.52 9.35
N LEU B 129 -12.47 4.29 9.19
CA LEU B 129 -12.60 3.58 7.92
C LEU B 129 -13.30 2.24 8.05
N SER B 130 -13.96 1.83 6.99
CA SER B 130 -14.58 0.50 6.89
C SER B 130 -14.40 0.09 5.42
N PRO B 131 -13.20 -0.38 5.03
CA PRO B 131 -12.95 -0.73 3.62
C PRO B 131 -13.47 -2.09 3.17
N ASP B 132 -14.10 -2.84 4.10
CA ASP B 132 -14.72 -4.14 3.87
C ASP B 132 -13.68 -5.11 3.26
N ASP B 133 -13.92 -5.68 2.06
CA ASP B 133 -12.94 -6.61 1.48
C ASP B 133 -11.97 -5.94 0.48
N TYR B 134 -12.14 -4.65 0.20
CA TYR B 134 -11.21 -3.94 -0.68
C TYR B 134 -9.93 -3.63 0.10
N SER B 135 -8.80 -3.49 -0.61
CA SER B 135 -7.53 -3.24 0.08
C SER B 135 -7.09 -1.82 -0.13
N LEU B 136 -7.02 -1.06 0.96
CA LEU B 136 -6.64 0.35 0.88
C LEU B 136 -5.13 0.48 0.61
N LEU B 137 -4.74 1.29 -0.36
CA LEU B 137 -3.35 1.57 -0.67
C LEU B 137 -2.93 2.83 0.14
N TYR B 138 -3.76 3.87 0.08
CA TYR B 138 -3.54 5.13 0.80
C TYR B 138 -4.79 5.98 0.63
N LEU B 139 -4.72 7.22 1.11
CA LEU B 139 -5.79 8.17 0.92
C LEU B 139 -5.19 9.45 0.39
N VAL B 140 -6.03 10.31 -0.19
CA VAL B 140 -5.59 11.59 -0.66
C VAL B 140 -6.58 12.61 -0.10
N ILE B 141 -6.07 13.66 0.56
CA ILE B 141 -6.92 14.75 1.03
C ILE B 141 -6.79 15.90 0.05
N GLU B 142 -7.93 16.45 -0.39
CA GLU B 142 -8.02 17.68 -1.17
C GLU B 142 -8.67 18.72 -0.27
N TRP B 143 -8.19 19.96 -0.34
CA TRP B 143 -8.82 21.04 0.41
C TRP B 143 -8.78 22.29 -0.42
N LYS B 144 -9.80 23.12 -0.27
CA LYS B 144 -9.91 24.37 -1.04
C LYS B 144 -10.94 25.26 -0.32
N ILE B 145 -11.04 26.53 -0.74
CA ILE B 145 -12.07 27.42 -0.22
C ILE B 145 -13.36 27.01 -0.95
N LEU B 146 -14.45 26.80 -0.20
CA LEU B 146 -15.75 26.38 -0.72
C LEU B 146 -16.21 27.22 -1.93
N ASN B 147 -16.70 26.55 -2.98
CA ASN B 147 -17.21 27.14 -4.22
C ASN B 147 -16.16 27.85 -5.09
N GLU B 148 -14.86 27.76 -4.72
CA GLU B 148 -13.82 28.42 -5.50
C GLU B 148 -13.55 27.69 -6.79
N ASP B 149 -13.28 28.43 -7.88
CA ASP B 149 -13.01 27.80 -9.17
C ASP B 149 -11.82 26.84 -9.12
N ASP B 150 -10.65 27.31 -8.65
CA ASP B 150 -9.49 26.43 -8.52
C ASP B 150 -9.00 26.48 -7.06
N GLY B 151 -7.69 26.65 -6.81
CA GLY B 151 -7.15 26.72 -5.46
C GLY B 151 -7.11 25.41 -4.72
N MET B 152 -7.40 24.29 -5.41
CA MET B 152 -7.36 22.96 -4.82
C MET B 152 -5.93 22.63 -4.47
N LYS B 153 -5.73 22.10 -3.29
CA LYS B 153 -4.43 21.62 -2.84
C LYS B 153 -4.65 20.17 -2.42
N TRP B 154 -3.64 19.33 -2.59
CA TRP B 154 -3.77 17.92 -2.20
C TRP B 154 -2.53 17.38 -1.51
N LEU B 155 -2.72 16.36 -0.67
CA LEU B 155 -1.62 15.67 -0.02
C LEU B 155 -1.97 14.18 0.07
N ARG B 156 -0.97 13.31 -0.07
N ARG B 156 -0.97 13.30 -0.07
CA ARG B 156 -1.19 11.89 0.09
CA ARG B 156 -1.20 11.86 0.06
C ARG B 156 -1.11 11.57 1.57
C ARG B 156 -1.05 11.48 1.53
N ILE B 157 -2.02 10.72 2.05
CA ILE B 157 -2.04 10.31 3.45
C ILE B 157 -1.76 8.82 3.49
N PRO B 158 -0.81 8.39 4.33
CA PRO B 158 -0.54 6.95 4.42
C PRO B 158 -1.78 6.23 4.97
N SER B 159 -2.06 5.01 4.47
CA SER B 159 -3.27 4.30 4.89
C SER B 159 -3.28 3.84 6.38
N ASN B 160 -2.11 3.84 7.06
CA ASN B 160 -2.03 3.38 8.45
C ASN B 160 -2.53 4.38 9.48
N VAL B 161 -2.68 5.66 9.11
CA VAL B 161 -3.10 6.66 10.07
C VAL B 161 -4.60 6.93 10.02
N LYS B 162 -5.14 7.39 11.13
CA LYS B 162 -6.54 7.84 11.27
C LYS B 162 -6.63 9.37 11.50
N LYS B 163 -5.49 10.08 11.50
CA LYS B 163 -5.47 11.54 11.64
C LYS B 163 -4.32 12.09 10.80
N PHE B 164 -4.43 13.34 10.38
CA PHE B 164 -3.44 13.96 9.53
C PHE B 164 -3.46 15.49 9.69
N TYR B 165 -2.28 16.09 9.82
CA TYR B 165 -2.16 17.53 9.98
C TYR B 165 -1.98 18.20 8.63
N ILE B 166 -2.80 19.22 8.37
CA ILE B 166 -2.72 20.00 7.16
C ILE B 166 -2.23 21.39 7.57
N HIS B 167 -1.06 21.80 7.10
CA HIS B 167 -0.52 23.12 7.38
C HIS B 167 -0.87 24.02 6.19
N ASP B 168 -1.54 25.14 6.45
CA ASP B 168 -1.91 26.13 5.43
C ASP B 168 -2.33 27.44 6.11
N ASN B 169 -2.45 28.55 5.37
CA ASN B 169 -2.88 29.81 5.95
C ASN B 169 -4.42 29.83 5.99
N PHE B 170 -5.03 29.19 7.00
CA PHE B 170 -6.50 29.16 7.09
C PHE B 170 -7.12 30.51 7.53
N ILE B 171 -7.99 31.06 6.69
CA ILE B 171 -8.62 32.36 6.91
C ILE B 171 -9.97 32.22 7.59
N PRO B 172 -10.18 32.91 8.73
CA PRO B 172 -11.46 32.78 9.45
C PRO B 172 -12.71 33.22 8.68
N ILE B 173 -12.54 34.13 7.70
CA ILE B 173 -13.68 34.58 6.90
C ILE B 173 -14.05 33.58 5.79
N GLU B 174 -13.16 32.63 5.45
CA GLU B 174 -13.39 31.66 4.40
C GLU B 174 -13.83 30.31 4.94
N LYS B 175 -14.72 29.65 4.21
CA LYS B 175 -15.13 28.30 4.57
C LYS B 175 -14.29 27.37 3.72
N TYR B 176 -13.69 26.37 4.34
CA TYR B 176 -12.85 25.42 3.63
C TYR B 176 -13.62 24.14 3.43
N GLN B 177 -13.35 23.45 2.32
CA GLN B 177 -13.97 22.18 1.99
C GLN B 177 -12.87 21.15 1.98
N PHE B 178 -13.07 20.03 2.69
CA PHE B 178 -12.09 18.96 2.79
C PHE B 178 -12.69 17.70 2.17
N SER B 179 -12.00 17.10 1.22
CA SER B 179 -12.50 15.89 0.54
C SER B 179 -11.48 14.77 0.69
N LEU B 180 -11.80 13.71 1.44
CA LEU B 180 -10.86 12.61 1.65
C LEU B 180 -11.22 11.44 0.73
N TYR B 181 -10.27 11.06 -0.11
CA TYR B 181 -10.47 9.97 -1.07
C TYR B 181 -9.73 8.73 -0.64
N PRO B 182 -10.44 7.59 -0.44
CA PRO B 182 -9.71 6.34 -0.19
C PRO B 182 -9.22 5.79 -1.54
N VAL B 183 -7.97 5.32 -1.61
CA VAL B 183 -7.43 4.78 -2.84
C VAL B 183 -7.23 3.31 -2.58
N PHE B 184 -8.07 2.48 -3.16
CA PHE B 184 -7.93 1.05 -3.03
C PHE B 184 -7.08 0.50 -4.16
N MET B 185 -6.57 -0.74 -3.98
CA MET B 185 -5.86 -1.47 -5.03
C MET B 185 -6.79 -1.58 -6.28
N GLU B 186 -8.10 -1.83 -6.03
CA GLU B 186 -9.14 -2.01 -7.03
C GLU B 186 -9.52 -0.69 -7.74
N GLY B 187 -9.20 0.47 -7.15
CA GLY B 187 -9.47 1.76 -7.75
C GLY B 187 -9.74 2.85 -6.73
N VAL B 188 -9.78 4.10 -7.22
CA VAL B 188 -10.08 5.24 -6.37
C VAL B 188 -11.54 5.16 -5.95
N GLY B 189 -11.78 5.27 -4.66
CA GLY B 189 -13.12 5.13 -4.11
C GLY B 189 -13.90 6.42 -4.01
N LYS B 190 -15.13 6.31 -3.50
CA LYS B 190 -16.00 7.45 -3.29
C LYS B 190 -15.43 8.27 -2.12
N PRO B 191 -15.29 9.59 -2.27
CA PRO B 191 -14.76 10.38 -1.15
C PRO B 191 -15.85 10.69 -0.09
N LYS B 192 -15.43 11.25 1.02
CA LYS B 192 -16.28 11.85 2.05
C LYS B 192 -15.88 13.32 2.03
N ILE B 193 -16.86 14.21 1.91
CA ILE B 193 -16.57 15.65 1.80
C ILE B 193 -17.23 16.42 2.92
N ILE B 194 -16.47 17.27 3.64
CA ILE B 194 -17.05 18.12 4.68
C ILE B 194 -16.70 19.58 4.39
N ASN B 195 -17.58 20.48 4.81
CA ASN B 195 -17.45 21.91 4.66
C ASN B 195 -17.27 22.48 6.06
N GLY B 196 -16.17 23.16 6.29
CA GLY B 196 -15.87 23.80 7.56
C GLY B 196 -15.46 22.87 8.69
N PHE B 197 -15.45 23.41 9.94
CA PHE B 197 -15.04 22.71 11.17
C PHE B 197 -16.23 22.41 12.13
N THR B 198 -16.05 21.53 13.15
CA THR B 198 -17.15 21.21 14.09
C THR B 198 -16.80 21.39 15.58
N GLN C 4 27.66 4.73 27.68
CA GLN C 4 28.56 4.51 26.55
C GLN C 4 28.52 3.05 26.14
N VAL C 5 28.15 2.82 24.88
CA VAL C 5 28.09 1.46 24.36
C VAL C 5 29.50 0.98 24.07
N GLN C 6 29.81 -0.25 24.50
CA GLN C 6 31.11 -0.81 24.24
C GLN C 6 30.98 -2.32 24.08
N LEU C 7 31.70 -2.84 23.10
CA LEU C 7 31.83 -4.27 22.87
C LEU C 7 33.33 -4.54 22.90
N GLN C 8 33.74 -5.59 23.60
CA GLN C 8 35.16 -5.91 23.67
C GLN C 8 35.47 -7.38 23.45
N GLU C 9 36.19 -7.67 22.37
CA GLU C 9 36.59 -9.05 22.09
C GLU C 9 37.86 -9.40 22.88
N SER C 10 38.07 -10.68 23.07
CA SER C 10 39.26 -11.23 23.68
C SER C 10 39.32 -12.72 23.30
N GLY C 11 40.49 -13.32 23.48
CA GLY C 11 40.67 -14.72 23.21
C GLY C 11 41.36 -15.08 21.91
N GLY C 12 41.72 -14.07 21.12
CA GLY C 12 42.43 -14.32 19.87
C GLY C 12 43.87 -14.74 20.12
N GLY C 13 44.50 -15.27 19.11
CA GLY C 13 45.89 -15.68 19.17
C GLY C 13 46.33 -16.46 17.97
N LEU C 14 47.51 -17.02 18.07
CA LEU C 14 48.12 -17.84 17.03
C LEU C 14 47.85 -19.31 17.37
N VAL C 15 47.33 -20.09 16.41
CA VAL C 15 47.07 -21.52 16.61
C VAL C 15 47.57 -22.34 15.42
N GLN C 16 47.91 -23.61 15.66
CA GLN C 16 48.30 -24.50 14.57
C GLN C 16 47.01 -24.99 13.90
N PRO C 17 47.07 -25.39 12.61
CA PRO C 17 45.88 -25.97 11.97
C PRO C 17 45.41 -27.21 12.74
N GLY C 18 44.10 -27.31 12.91
CA GLY C 18 43.46 -28.37 13.67
C GLY C 18 43.13 -27.95 15.10
N GLY C 19 43.73 -26.88 15.57
CA GLY C 19 43.53 -26.41 16.94
C GLY C 19 42.24 -25.68 17.21
N SER C 20 42.07 -25.27 18.47
N SER C 20 42.06 -25.29 18.46
CA SER C 20 40.87 -24.60 18.90
CA SER C 20 40.85 -24.62 18.90
C SER C 20 41.14 -23.32 19.68
C SER C 20 41.18 -23.29 19.59
N LEU C 21 40.24 -22.35 19.53
CA LEU C 21 40.31 -21.07 20.24
C LEU C 21 38.87 -20.79 20.68
N ARG C 22 38.71 -20.00 21.73
N ARG C 22 38.70 -20.01 21.75
CA ARG C 22 37.39 -19.58 22.16
CA ARG C 22 37.36 -19.61 22.19
C ARG C 22 37.43 -18.08 22.33
C ARG C 22 37.38 -18.10 22.37
N LEU C 23 36.59 -17.37 21.57
CA LEU C 23 36.54 -15.91 21.66
C LEU C 23 35.43 -15.48 22.59
N SER C 24 35.61 -14.33 23.25
CA SER C 24 34.63 -13.76 24.16
C SER C 24 34.34 -12.33 23.71
N CYS C 25 33.13 -11.88 23.95
CA CYS C 25 32.74 -10.53 23.64
C CYS C 25 31.96 -10.02 24.80
N ALA C 26 32.53 -9.09 25.59
CA ALA C 26 31.85 -8.51 26.73
C ALA C 26 31.19 -7.23 26.27
N ALA C 27 29.92 -7.03 26.60
CA ALA C 27 29.19 -5.84 26.20
C ALA C 27 28.79 -5.00 27.39
N SER C 28 28.70 -3.70 27.18
CA SER C 28 28.29 -2.75 28.21
C SER C 28 27.57 -1.56 27.56
N GLY C 29 26.73 -0.89 28.33
CA GLY C 29 25.98 0.27 27.83
C GLY C 29 24.64 -0.09 27.21
N PHE C 30 24.39 -1.39 27.05
CA PHE C 30 23.19 -1.97 26.50
C PHE C 30 23.10 -3.42 26.98
N THR C 31 21.91 -4.01 26.89
CA THR C 31 21.71 -5.41 27.28
C THR C 31 21.36 -6.27 26.06
N LEU C 32 21.45 -7.62 26.23
CA LEU C 32 21.04 -8.58 25.22
C LEU C 32 19.49 -8.56 24.98
N ASP C 33 18.72 -7.83 25.83
CA ASP C 33 17.28 -7.68 25.65
C ASP C 33 16.98 -6.73 24.45
N ASP C 34 17.78 -5.65 24.25
CA ASP C 34 17.53 -4.67 23.17
C ASP C 34 18.36 -4.87 21.91
N TYR C 35 19.51 -5.54 22.05
CA TYR C 35 20.39 -5.76 20.93
C TYR C 35 20.81 -7.20 20.92
N GLY C 36 21.07 -7.73 19.73
CA GLY C 36 21.65 -9.04 19.57
C GLY C 36 23.11 -8.85 19.20
N ILE C 37 24.01 -9.71 19.71
CA ILE C 37 25.44 -9.62 19.41
C ILE C 37 25.84 -10.80 18.55
N ALA C 38 26.51 -10.52 17.41
CA ALA C 38 26.89 -11.54 16.45
C ALA C 38 28.40 -11.47 16.15
N TRP C 39 28.93 -12.49 15.47
CA TRP C 39 30.37 -12.50 15.15
C TRP C 39 30.57 -12.34 13.65
N PHE C 40 31.59 -11.57 13.30
CA PHE C 40 32.06 -11.30 11.95
C PHE C 40 33.57 -11.56 11.88
N ARG C 41 34.09 -11.65 10.67
CA ARG C 41 35.54 -11.76 10.48
C ARG C 41 35.94 -11.07 9.22
N GLN C 42 37.14 -10.51 9.22
CA GLN C 42 37.70 -9.82 8.09
C GLN C 42 39.07 -10.41 7.77
N ALA C 43 39.13 -11.24 6.74
CA ALA C 43 40.39 -11.83 6.28
C ALA C 43 41.19 -10.78 5.51
N PRO C 44 42.50 -10.99 5.34
CA PRO C 44 43.32 -10.00 4.62
C PRO C 44 42.75 -9.56 3.26
N GLY C 45 42.54 -8.26 3.10
CA GLY C 45 42.03 -7.67 1.87
C GLY C 45 40.56 -7.89 1.54
N LYS C 46 39.79 -8.45 2.51
CA LYS C 46 38.36 -8.72 2.31
C LYS C 46 37.48 -7.78 3.15
N GLU C 47 36.16 -7.81 2.97
CA GLU C 47 35.23 -7.00 3.79
C GLU C 47 34.85 -7.80 5.06
N ARG C 48 34.15 -7.17 6.02
CA ARG C 48 33.75 -7.89 7.22
C ARG C 48 32.58 -8.79 6.91
N GLU C 49 32.81 -10.09 6.98
CA GLU C 49 31.77 -11.06 6.63
C GLU C 49 31.15 -11.72 7.86
N GLY C 50 29.85 -12.00 7.79
CA GLY C 50 29.15 -12.62 8.91
C GLY C 50 29.66 -14.03 9.16
N VAL C 51 29.83 -14.39 10.43
CA VAL C 51 30.33 -15.73 10.76
C VAL C 51 29.25 -16.52 11.52
N SER C 52 28.65 -15.91 12.53
CA SER C 52 27.64 -16.63 13.33
C SER C 52 26.78 -15.66 14.09
N CYS C 53 25.52 -16.03 14.29
CA CYS C 53 24.64 -15.22 15.11
C CYS C 53 23.70 -16.11 15.91
N ILE C 54 23.11 -15.53 16.94
CA ILE C 54 22.12 -16.17 17.78
C ILE C 54 20.91 -15.25 17.84
N SER C 55 19.73 -15.81 17.76
CA SER C 55 18.48 -15.05 17.77
C SER C 55 18.27 -14.24 19.03
N THR C 56 17.63 -13.08 18.88
CA THR C 56 17.22 -12.26 20.02
C THR C 56 15.88 -12.74 20.62
N SER C 57 15.15 -13.61 19.91
CA SER C 57 13.84 -14.10 20.32
C SER C 57 13.95 -15.47 21.00
N ASP C 58 14.80 -16.34 20.47
CA ASP C 58 14.93 -17.70 21.03
C ASP C 58 16.39 -18.15 20.98
N ASP C 59 16.68 -19.47 21.04
CA ASP C 59 18.08 -19.91 21.04
C ASP C 59 18.58 -20.36 19.68
N SER C 60 17.85 -20.02 18.59
CA SER C 60 18.20 -20.35 17.21
C SER C 60 19.56 -19.75 16.89
N THR C 61 20.40 -20.50 16.20
CA THR C 61 21.74 -20.05 15.80
C THR C 61 21.95 -20.32 14.30
N TYR C 62 22.76 -19.45 13.66
CA TYR C 62 23.05 -19.60 12.24
C TYR C 62 24.53 -19.35 12.03
N TYR C 63 25.07 -19.96 10.98
CA TYR C 63 26.50 -19.96 10.73
C TYR C 63 26.81 -19.78 9.27
N ALA C 64 28.01 -19.21 8.96
CA ALA C 64 28.48 -19.15 7.58
C ALA C 64 28.76 -20.62 7.18
N ASP C 65 28.49 -20.96 5.94
CA ASP C 65 28.67 -22.34 5.45
C ASP C 65 30.09 -22.89 5.73
N SER C 66 31.12 -22.03 5.60
CA SER C 66 32.50 -22.51 5.79
C SER C 66 32.84 -22.91 7.24
N VAL C 67 32.08 -22.41 8.23
CA VAL C 67 32.41 -22.69 9.63
C VAL C 67 31.37 -23.58 10.36
N LYS C 68 30.24 -23.94 9.68
CA LYS C 68 29.20 -24.72 10.35
C LYS C 68 29.74 -26.03 10.96
N GLY C 69 29.32 -26.31 12.19
CA GLY C 69 29.70 -27.52 12.92
C GLY C 69 31.01 -27.31 13.67
N ARG C 70 32.00 -26.67 13.02
CA ARG C 70 33.29 -26.37 13.67
C ARG C 70 33.16 -25.25 14.73
N PHE C 71 32.30 -24.25 14.44
CA PHE C 71 32.13 -23.09 15.33
C PHE C 71 30.81 -23.15 16.04
N THR C 72 30.76 -22.61 17.27
CA THR C 72 29.52 -22.59 18.02
C THR C 72 29.41 -21.26 18.76
N ILE C 73 28.35 -20.51 18.51
CA ILE C 73 28.10 -19.28 19.25
C ILE C 73 27.26 -19.65 20.47
N SER C 74 27.49 -18.94 21.56
CA SER C 74 26.74 -19.12 22.79
C SER C 74 26.71 -17.79 23.56
N ARG C 75 25.81 -17.67 24.53
CA ARG C 75 25.73 -16.45 25.30
C ARG C 75 25.49 -16.71 26.78
N ASP C 76 25.87 -15.74 27.58
CA ASP C 76 25.64 -15.76 28.99
C ASP C 76 24.99 -14.43 29.20
N THR C 77 23.64 -14.41 29.24
CA THR C 77 22.85 -13.19 29.41
C THR C 77 23.12 -12.50 30.75
N ALA C 78 23.42 -13.27 31.82
CA ALA C 78 23.71 -12.67 33.12
C ALA C 78 25.01 -11.86 33.08
N LYS C 79 25.99 -12.30 32.26
CA LYS C 79 27.29 -11.60 32.12
C LYS C 79 27.33 -10.65 30.94
N ASN C 80 26.25 -10.57 30.15
CA ASN C 80 26.16 -9.74 28.94
C ASN C 80 27.35 -10.04 28.01
N THR C 81 27.66 -11.34 27.86
CA THR C 81 28.79 -11.83 27.08
C THR C 81 28.38 -12.89 26.06
N VAL C 82 28.97 -12.83 24.87
N VAL C 82 29.00 -12.83 24.88
CA VAL C 82 28.75 -13.86 23.88
CA VAL C 82 28.74 -13.77 23.79
C VAL C 82 30.09 -14.53 23.62
C VAL C 82 30.08 -14.45 23.43
N TYR C 83 30.04 -15.76 23.17
CA TYR C 83 31.24 -16.53 22.88
C TYR C 83 31.18 -17.11 21.51
N LEU C 84 32.35 -17.42 20.95
CA LEU C 84 32.48 -18.15 19.70
C LEU C 84 33.56 -19.24 19.95
N GLN C 85 33.15 -20.50 20.06
CA GLN C 85 34.05 -21.63 20.17
C GLN C 85 34.44 -21.96 18.74
N MET C 86 35.73 -22.05 18.46
N MET C 86 35.73 -22.02 18.45
CA MET C 86 36.22 -22.30 17.11
CA MET C 86 36.22 -22.30 17.11
C MET C 86 37.10 -23.53 17.09
C MET C 86 37.08 -23.54 17.13
N ASN C 87 36.60 -24.62 16.49
CA ASN C 87 37.32 -25.91 16.47
C ASN C 87 37.86 -26.29 15.13
N SER C 88 38.84 -27.24 15.11
CA SER C 88 39.50 -27.75 13.90
C SER C 88 39.83 -26.61 12.92
N LEU C 89 40.50 -25.57 13.46
CA LEU C 89 40.81 -24.34 12.75
C LEU C 89 41.67 -24.62 11.52
N LYS C 90 41.37 -23.90 10.44
CA LYS C 90 42.06 -24.04 9.16
C LYS C 90 42.82 -22.71 8.86
N PRO C 91 43.87 -22.74 8.02
CA PRO C 91 44.57 -21.49 7.67
C PRO C 91 43.61 -20.43 7.10
N GLU C 92 42.59 -20.86 6.33
CA GLU C 92 41.63 -19.92 5.76
C GLU C 92 40.71 -19.25 6.83
N ASP C 93 40.75 -19.71 8.09
CA ASP C 93 40.03 -19.05 9.18
C ASP C 93 40.83 -17.84 9.73
N THR C 94 42.06 -17.61 9.24
CA THR C 94 42.87 -16.46 9.70
C THR C 94 42.14 -15.16 9.33
N ALA C 95 41.94 -14.30 10.31
CA ALA C 95 41.20 -13.04 10.11
C ALA C 95 41.16 -12.27 11.44
N VAL C 96 40.80 -10.98 11.39
CA VAL C 96 40.48 -10.24 12.59
C VAL C 96 38.97 -10.61 12.83
N TYR C 97 38.62 -11.06 14.03
CA TYR C 97 37.25 -11.42 14.40
C TYR C 97 36.63 -10.31 15.23
N TYR C 98 35.43 -9.88 14.84
CA TYR C 98 34.73 -8.81 15.53
C TYR C 98 33.41 -9.29 16.10
N CYS C 99 33.04 -8.76 17.24
CA CYS C 99 31.66 -8.88 17.69
C CYS C 99 30.96 -7.56 17.40
N ALA C 100 29.69 -7.65 17.12
CA ALA C 100 28.92 -6.49 16.68
C ALA C 100 27.47 -6.63 17.15
N ALA C 101 26.85 -5.48 17.46
CA ALA C 101 25.51 -5.46 17.98
C ALA C 101 24.55 -4.90 16.97
N GLU C 102 23.35 -5.48 16.90
CA GLU C 102 22.29 -4.98 16.03
C GLU C 102 21.02 -4.92 16.80
N ARG C 103 20.31 -3.80 16.68
CA ARG C 103 19.04 -3.59 17.39
C ARG C 103 18.05 -4.75 17.14
N ALA C 104 17.52 -5.32 18.23
CA ALA C 104 16.58 -6.44 18.13
C ALA C 104 15.32 -6.06 17.30
N PRO C 105 14.70 -7.02 16.61
CA PRO C 105 15.13 -8.43 16.51
C PRO C 105 16.20 -8.60 15.46
N MET C 106 17.05 -9.61 15.66
CA MET C 106 18.05 -9.95 14.65
C MET C 106 18.36 -11.47 14.76
N CYS C 107 18.86 -12.06 13.66
CA CYS C 107 19.19 -13.48 13.59
C CYS C 107 17.95 -14.34 13.92
N TYR C 108 16.76 -13.89 13.51
CA TYR C 108 15.50 -14.49 13.91
C TYR C 108 15.03 -15.67 13.07
N SER C 109 15.47 -15.74 11.81
CA SER C 109 15.03 -16.81 10.90
C SER C 109 15.88 -16.78 9.62
N ARG C 110 15.57 -17.67 8.65
CA ARG C 110 16.26 -17.63 7.37
C ARG C 110 15.87 -16.40 6.53
N SER C 111 14.88 -15.59 6.95
CA SER C 111 14.55 -14.34 6.23
C SER C 111 15.45 -13.16 6.71
N TYR C 112 16.41 -13.41 7.60
CA TYR C 112 17.34 -12.38 8.13
C TYR C 112 18.70 -12.51 7.42
N TYR C 113 19.43 -11.40 7.33
CA TYR C 113 20.75 -11.40 6.73
C TYR C 113 21.75 -10.78 7.69
N LEU C 114 22.76 -11.58 8.09
CA LEU C 114 23.81 -11.12 8.98
C LEU C 114 24.81 -10.40 8.07
N VAL C 115 24.73 -9.05 8.06
CA VAL C 115 25.53 -8.22 7.15
C VAL C 115 26.10 -7.01 7.86
N ASP C 116 27.35 -6.62 7.50
CA ASP C 116 28.06 -5.56 8.21
C ASP C 116 27.28 -4.26 8.30
N TYR C 117 26.60 -3.87 7.19
CA TYR C 117 25.93 -2.57 7.21
C TYR C 117 24.74 -2.49 8.16
N GLY C 118 24.20 -3.63 8.61
CA GLY C 118 23.08 -3.60 9.55
C GLY C 118 23.48 -3.46 11.02
N MET C 119 24.79 -3.50 11.33
CA MET C 119 25.27 -3.47 12.70
C MET C 119 25.34 -2.05 13.23
N ASP C 120 24.86 -1.85 14.45
CA ASP C 120 24.88 -0.54 15.10
C ASP C 120 26.17 -0.20 15.85
N TYR C 121 26.85 -1.20 16.43
CA TYR C 121 28.08 -1.04 17.22
C TYR C 121 29.03 -2.20 16.92
N TRP C 122 30.31 -1.91 16.94
CA TRP C 122 31.35 -2.89 16.69
C TRP C 122 32.41 -2.88 17.77
N GLY C 123 33.02 -4.05 18.01
CA GLY C 123 34.19 -4.12 18.88
C GLY C 123 35.42 -3.77 18.06
N LYS C 124 36.57 -3.63 18.70
N LYS C 124 36.57 -3.63 18.71
CA LYS C 124 37.82 -3.29 18.00
CA LYS C 124 37.82 -3.30 18.03
C LYS C 124 38.44 -4.47 17.23
C LYS C 124 38.33 -4.46 17.15
N GLY C 125 37.99 -5.68 17.51
CA GLY C 125 38.46 -6.87 16.82
C GLY C 125 39.58 -7.55 17.58
N THR C 126 39.76 -8.85 17.31
CA THR C 126 40.80 -9.68 17.89
C THR C 126 41.41 -10.53 16.77
N GLN C 127 42.74 -10.53 16.64
CA GLN C 127 43.42 -11.28 15.58
C GLN C 127 43.42 -12.78 15.86
N VAL C 128 43.04 -13.58 14.86
CA VAL C 128 43.11 -15.03 14.93
C VAL C 128 44.00 -15.45 13.79
N THR C 129 45.10 -16.15 14.09
CA THR C 129 46.05 -16.55 13.04
C THR C 129 46.21 -18.05 13.11
N VAL C 130 45.87 -18.74 12.04
CA VAL C 130 45.99 -20.19 12.00
C VAL C 130 47.10 -20.54 11.05
N SER C 131 48.24 -20.95 11.60
CA SER C 131 49.42 -21.22 10.78
C SER C 131 50.31 -22.30 11.41
N SER C 132 50.96 -23.12 10.55
CA SER C 132 51.87 -24.20 10.96
C SER C 132 53.08 -23.62 11.69
N VAL D 5 -38.87 6.15 1.65
CA VAL D 5 -38.24 6.92 0.59
C VAL D 5 -39.08 6.93 -0.71
N GLN D 6 -39.14 8.08 -1.41
CA GLN D 6 -39.86 8.19 -2.67
C GLN D 6 -39.38 9.40 -3.48
N LEU D 7 -39.43 9.28 -4.80
CA LEU D 7 -39.08 10.34 -5.73
C LEU D 7 -40.26 10.46 -6.70
N GLN D 8 -40.76 11.67 -6.91
CA GLN D 8 -41.88 11.86 -7.80
C GLN D 8 -41.68 12.99 -8.80
N GLU D 9 -41.63 12.63 -10.09
CA GLU D 9 -41.49 13.59 -11.17
C GLU D 9 -42.85 14.11 -11.61
N SER D 10 -42.86 15.35 -12.15
CA SER D 10 -44.02 15.99 -12.74
C SER D 10 -43.57 17.12 -13.67
N GLY D 11 -44.47 17.60 -14.50
CA GLY D 11 -44.17 18.68 -15.44
C GLY D 11 -43.92 18.23 -16.86
N GLY D 12 -44.00 16.93 -17.13
CA GLY D 12 -43.80 16.42 -18.49
C GLY D 12 -44.94 16.80 -19.43
N GLY D 13 -44.79 16.50 -20.70
CA GLY D 13 -45.82 16.83 -21.70
C GLY D 13 -45.33 17.00 -23.11
N LEU D 14 -46.24 17.40 -24.01
CA LEU D 14 -45.94 17.60 -25.41
C LEU D 14 -45.67 19.06 -25.72
N VAL D 15 -44.54 19.34 -26.37
CA VAL D 15 -44.15 20.68 -26.78
C VAL D 15 -43.68 20.65 -28.24
N GLN D 16 -43.65 21.81 -28.88
CA GLN D 16 -43.14 21.95 -30.23
C GLN D 16 -41.61 22.21 -30.18
N PRO D 17 -40.88 21.97 -31.29
CA PRO D 17 -39.43 22.30 -31.29
C PRO D 17 -39.25 23.80 -31.05
N GLY D 18 -38.32 24.14 -30.18
CA GLY D 18 -38.12 25.52 -29.74
C GLY D 18 -38.82 25.84 -28.43
N GLY D 19 -39.71 24.94 -28.00
CA GLY D 19 -40.49 25.06 -26.77
C GLY D 19 -39.74 24.83 -25.48
N SER D 20 -40.46 24.99 -24.36
CA SER D 20 -39.87 24.83 -23.04
C SER D 20 -40.80 24.11 -22.07
N LEU D 21 -40.20 23.45 -21.09
CA LEU D 21 -40.91 22.73 -20.04
C LEU D 21 -40.12 22.87 -18.74
N ARG D 22 -40.79 22.72 -17.58
CA ARG D 22 -40.09 22.73 -16.31
C ARG D 22 -40.50 21.50 -15.51
N LEU D 23 -39.54 20.59 -15.30
CA LEU D 23 -39.81 19.37 -14.53
C LEU D 23 -39.49 19.61 -13.07
N SER D 24 -40.22 18.93 -12.21
CA SER D 24 -40.08 19.01 -10.76
C SER D 24 -39.88 17.60 -10.22
N CYS D 25 -39.11 17.46 -9.15
CA CYS D 25 -38.94 16.17 -8.51
C CYS D 25 -39.04 16.33 -7.01
N ALA D 26 -40.17 15.90 -6.44
CA ALA D 26 -40.41 15.98 -5.01
C ALA D 26 -39.87 14.72 -4.32
N ALA D 27 -39.06 14.92 -3.27
CA ALA D 27 -38.48 13.81 -2.53
C ALA D 27 -39.07 13.70 -1.14
N SER D 28 -39.20 12.47 -0.65
CA SER D 28 -39.71 12.22 0.69
C SER D 28 -38.93 11.08 1.37
N GLY D 29 -38.93 11.09 2.69
CA GLY D 29 -38.21 10.11 3.48
C GLY D 29 -36.81 10.61 3.76
N PHE D 30 -35.99 10.64 2.72
CA PHE D 30 -34.61 11.14 2.81
C PHE D 30 -34.53 12.65 2.52
N THR D 31 -33.45 13.29 2.97
CA THR D 31 -33.26 14.71 2.73
C THR D 31 -32.11 14.96 1.77
N LEU D 32 -32.07 16.17 1.19
CA LEU D 32 -31.00 16.60 0.29
C LEU D 32 -29.63 16.67 1.03
N ASP D 33 -29.63 16.61 2.38
CA ASP D 33 -28.41 16.60 3.18
C ASP D 33 -27.73 15.20 3.13
N ASP D 34 -28.47 14.11 2.85
CA ASP D 34 -27.86 12.77 2.77
C ASP D 34 -27.76 12.22 1.35
N TYR D 35 -28.66 12.65 0.47
CA TYR D 35 -28.65 12.21 -0.91
C TYR D 35 -28.71 13.40 -1.83
N GLY D 36 -28.09 13.27 -2.98
CA GLY D 36 -28.19 14.25 -4.06
C GLY D 36 -29.18 13.73 -5.09
N ILE D 37 -29.99 14.61 -5.70
CA ILE D 37 -30.98 14.20 -6.70
C ILE D 37 -30.57 14.77 -8.06
N ALA D 38 -30.51 13.90 -9.06
CA ALA D 38 -30.08 14.24 -10.41
C ALA D 38 -31.12 13.85 -11.48
N TRP D 39 -30.97 14.34 -12.71
CA TRP D 39 -31.90 14.04 -13.80
C TRP D 39 -31.26 13.14 -14.86
N PHE D 40 -32.05 12.16 -15.31
CA PHE D 40 -31.74 11.16 -16.33
C PHE D 40 -32.86 11.16 -17.39
N ARG D 41 -32.58 10.54 -18.54
CA ARG D 41 -33.60 10.37 -19.57
C ARG D 41 -33.35 9.10 -20.35
N GLN D 42 -34.43 8.49 -20.84
CA GLN D 42 -34.31 7.25 -21.58
C GLN D 42 -35.06 7.37 -22.88
N ALA D 43 -34.33 7.57 -23.99
CA ALA D 43 -34.90 7.65 -25.33
C ALA D 43 -35.46 6.30 -25.72
N PRO D 44 -36.42 6.23 -26.68
CA PRO D 44 -36.94 4.91 -27.08
C PRO D 44 -35.83 3.99 -27.57
N GLY D 45 -35.86 2.73 -27.13
CA GLY D 45 -34.84 1.74 -27.48
C GLY D 45 -33.44 2.03 -26.98
N LYS D 46 -33.26 3.07 -26.14
CA LYS D 46 -31.93 3.41 -25.65
C LYS D 46 -31.75 3.22 -24.13
N GLU D 47 -30.51 3.36 -23.66
CA GLU D 47 -30.20 3.25 -22.24
C GLU D 47 -30.63 4.54 -21.50
N ARG D 48 -30.67 4.48 -20.16
CA ARG D 48 -30.95 5.62 -19.32
C ARG D 48 -29.66 6.42 -19.23
N GLU D 49 -29.67 7.67 -19.69
CA GLU D 49 -28.45 8.49 -19.72
C GLU D 49 -28.56 9.70 -18.78
N GLY D 50 -27.44 10.07 -18.18
CA GLY D 50 -27.40 11.22 -17.30
C GLY D 50 -27.66 12.50 -18.06
N VAL D 51 -28.42 13.41 -17.48
CA VAL D 51 -28.78 14.67 -18.14
C VAL D 51 -28.17 15.85 -17.39
N SER D 52 -28.35 15.87 -16.06
CA SER D 52 -27.86 16.97 -15.25
C SER D 52 -27.79 16.60 -13.79
N CYS D 53 -26.85 17.23 -13.08
CA CYS D 53 -26.76 17.05 -11.66
C CYS D 53 -26.28 18.32 -11.00
N ILE D 54 -26.54 18.41 -9.70
CA ILE D 54 -26.11 19.51 -8.87
C ILE D 54 -25.40 18.91 -7.67
N SER D 55 -24.23 19.49 -7.32
CA SER D 55 -23.40 19.00 -6.24
C SER D 55 -24.06 18.93 -4.88
N THR D 56 -23.73 17.88 -4.11
CA THR D 56 -24.21 17.80 -2.72
C THR D 56 -23.32 18.60 -1.76
N SER D 57 -22.11 18.99 -2.19
CA SER D 57 -21.14 19.68 -1.34
C SER D 57 -21.07 21.18 -1.58
N ASP D 58 -21.57 21.65 -2.72
CA ASP D 58 -21.58 23.07 -3.06
C ASP D 58 -22.64 23.33 -4.15
N ASP D 59 -22.60 24.51 -4.84
CA ASP D 59 -23.61 24.81 -5.84
C ASP D 59 -23.16 24.52 -7.27
N SER D 60 -22.13 23.67 -7.47
CA SER D 60 -21.67 23.32 -8.82
C SER D 60 -22.76 22.54 -9.54
N THR D 61 -22.94 22.82 -10.84
CA THR D 61 -23.93 22.09 -11.65
C THR D 61 -23.24 21.56 -12.89
N TYR D 62 -23.69 20.39 -13.38
CA TYR D 62 -23.09 19.76 -14.56
C TYR D 62 -24.16 19.27 -15.53
N TYR D 63 -23.84 19.24 -16.82
CA TYR D 63 -24.83 18.88 -17.83
C TYR D 63 -24.25 17.98 -18.88
N ALA D 64 -25.11 17.11 -19.46
CA ALA D 64 -24.74 16.32 -20.63
C ALA D 64 -24.40 17.31 -21.76
N ASP D 65 -23.40 17.01 -22.59
CA ASP D 65 -22.99 17.89 -23.69
C ASP D 65 -24.18 18.27 -24.58
N SER D 66 -25.09 17.30 -24.84
CA SER D 66 -26.26 17.54 -25.69
C SER D 66 -27.27 18.55 -25.13
N VAL D 67 -27.27 18.82 -23.81
CA VAL D 67 -28.26 19.74 -23.22
C VAL D 67 -27.64 21.01 -22.60
N LYS D 68 -26.30 21.08 -22.50
CA LYS D 68 -25.57 22.20 -21.93
C LYS D 68 -25.95 23.51 -22.65
N GLY D 69 -26.32 24.52 -21.88
CA GLY D 69 -26.75 25.81 -22.43
C GLY D 69 -28.26 25.92 -22.58
N ARG D 70 -28.95 24.78 -22.78
CA ARG D 70 -30.40 24.76 -22.98
C ARG D 70 -31.16 24.38 -21.73
N PHE D 71 -30.56 23.51 -20.89
CA PHE D 71 -31.23 23.04 -19.67
C PHE D 71 -30.60 23.67 -18.45
N THR D 72 -31.39 23.90 -17.39
CA THR D 72 -30.88 24.45 -16.16
C THR D 72 -31.44 23.65 -14.98
N ILE D 73 -30.56 23.07 -14.17
CA ILE D 73 -30.98 22.35 -12.96
C ILE D 73 -30.97 23.34 -11.77
N SER D 74 -31.90 23.18 -10.85
CA SER D 74 -31.95 23.99 -9.64
C SER D 74 -32.58 23.16 -8.50
N ARG D 75 -32.46 23.63 -7.26
CA ARG D 75 -33.04 22.92 -6.13
C ARG D 75 -33.56 23.88 -5.08
N ASP D 76 -34.53 23.41 -4.30
CA ASP D 76 -35.13 24.15 -3.21
C ASP D 76 -34.99 23.22 -2.01
N THR D 77 -34.00 23.49 -1.14
CA THR D 77 -33.76 22.64 0.02
C THR D 77 -34.94 22.61 0.98
N ALA D 78 -35.63 23.74 1.14
CA ALA D 78 -36.78 23.85 2.03
C ALA D 78 -37.93 22.95 1.57
N LYS D 79 -38.13 22.83 0.26
CA LYS D 79 -39.22 22.00 -0.27
C LYS D 79 -38.77 20.57 -0.64
N ASN D 80 -37.48 20.24 -0.46
CA ASN D 80 -36.91 18.94 -0.80
C ASN D 80 -37.24 18.58 -2.26
N THR D 81 -37.13 19.58 -3.15
CA THR D 81 -37.47 19.45 -4.56
C THR D 81 -36.34 19.93 -5.45
N VAL D 82 -36.14 19.26 -6.58
CA VAL D 82 -35.14 19.60 -7.59
C VAL D 82 -35.90 19.86 -8.88
N TYR D 83 -35.42 20.80 -9.69
CA TYR D 83 -36.11 21.22 -10.90
C TYR D 83 -35.20 21.13 -12.10
N LEU D 84 -35.78 20.91 -13.28
CA LEU D 84 -35.07 20.92 -14.55
C LEU D 84 -35.83 21.79 -15.50
N GLN D 85 -35.28 22.95 -15.85
CA GLN D 85 -35.88 23.89 -16.77
C GLN D 85 -35.30 23.54 -18.12
N MET D 86 -36.14 23.18 -19.08
CA MET D 86 -35.67 22.78 -20.39
C MET D 86 -36.09 23.78 -21.42
N ASN D 87 -35.15 24.42 -22.06
CA ASN D 87 -35.44 25.43 -23.09
C ASN D 87 -34.91 24.98 -24.45
N SER D 88 -35.36 25.65 -25.56
CA SER D 88 -34.92 25.37 -26.93
C SER D 88 -34.98 23.88 -27.24
N LEU D 89 -36.09 23.26 -26.82
CA LEU D 89 -36.31 21.82 -26.93
C LEU D 89 -36.26 21.33 -28.36
N LYS D 90 -35.67 20.15 -28.56
CA LYS D 90 -35.47 19.54 -29.87
C LYS D 90 -36.21 18.18 -29.92
N PRO D 91 -36.55 17.65 -31.12
CA PRO D 91 -37.17 16.31 -31.17
C PRO D 91 -36.29 15.23 -30.50
N GLU D 92 -34.95 15.41 -30.52
CA GLU D 92 -33.98 14.47 -29.89
C GLU D 92 -34.10 14.43 -28.36
N ASP D 93 -34.72 15.44 -27.75
CA ASP D 93 -34.94 15.48 -26.31
C ASP D 93 -36.15 14.64 -25.90
N THR D 94 -36.91 14.06 -26.86
CA THR D 94 -38.05 13.19 -26.55
C THR D 94 -37.51 11.97 -25.81
N ALA D 95 -38.03 11.72 -24.62
CA ALA D 95 -37.60 10.61 -23.77
C ALA D 95 -38.47 10.57 -22.49
N VAL D 96 -38.37 9.48 -21.70
CA VAL D 96 -38.97 9.46 -20.39
C VAL D 96 -37.89 10.10 -19.49
N TYR D 97 -38.22 11.15 -18.73
CA TYR D 97 -37.24 11.80 -17.84
C TYR D 97 -37.42 11.32 -16.44
N TYR D 98 -36.32 10.91 -15.80
CA TYR D 98 -36.32 10.38 -14.44
C TYR D 98 -35.47 11.22 -13.50
N CYS D 99 -35.94 11.37 -12.26
CA CYS D 99 -35.11 11.94 -11.22
C CYS D 99 -34.64 10.75 -10.37
N ALA D 100 -33.40 10.81 -9.95
CA ALA D 100 -32.78 9.72 -9.21
C ALA D 100 -31.94 10.22 -8.08
N ALA D 101 -31.84 9.45 -6.98
CA ALA D 101 -31.05 9.88 -5.83
C ALA D 101 -29.81 9.01 -5.65
N GLU D 102 -28.72 9.63 -5.24
CA GLU D 102 -27.48 8.89 -4.97
C GLU D 102 -26.90 9.41 -3.66
N ARG D 103 -26.46 8.50 -2.78
CA ARG D 103 -25.92 8.87 -1.49
C ARG D 103 -24.75 9.83 -1.62
N ALA D 104 -24.80 10.92 -0.84
CA ALA D 104 -23.77 11.94 -0.87
C ALA D 104 -22.42 11.36 -0.44
N PRO D 105 -21.31 11.88 -0.97
CA PRO D 105 -21.23 12.95 -1.98
C PRO D 105 -21.46 12.44 -3.40
N MET D 106 -22.14 13.26 -4.17
CA MET D 106 -22.35 12.99 -5.58
C MET D 106 -22.32 14.31 -6.33
N CYS D 107 -21.99 14.25 -7.63
CA CYS D 107 -21.92 15.42 -8.51
C CYS D 107 -20.96 16.50 -8.00
N TYR D 108 -19.90 16.06 -7.34
CA TYR D 108 -18.98 16.95 -6.65
C TYR D 108 -17.84 17.52 -7.47
N SER D 109 -17.53 16.96 -8.63
CA SER D 109 -16.43 17.45 -9.47
C SER D 109 -16.45 16.76 -10.85
N ARG D 110 -15.51 17.12 -11.75
CA ARG D 110 -15.35 16.44 -13.03
C ARG D 110 -14.84 14.96 -12.82
N SER D 111 -14.41 14.59 -11.60
CA SER D 111 -13.99 13.21 -11.33
C SER D 111 -15.15 12.30 -10.90
N TYR D 112 -16.38 12.78 -11.05
CA TYR D 112 -17.58 12.03 -10.70
C TYR D 112 -18.27 11.61 -12.01
N TYR D 113 -19.02 10.51 -11.95
CA TYR D 113 -19.75 10.02 -13.13
C TYR D 113 -21.22 9.85 -12.80
N LEU D 114 -22.07 10.61 -13.49
CA LEU D 114 -23.53 10.53 -13.33
C LEU D 114 -23.95 9.34 -14.17
N VAL D 115 -24.07 8.17 -13.53
CA VAL D 115 -24.37 6.92 -14.22
C VAL D 115 -25.51 6.14 -13.55
N ASP D 116 -26.36 5.52 -14.38
CA ASP D 116 -27.53 4.79 -13.90
C ASP D 116 -27.25 3.78 -12.77
N TYR D 117 -26.29 2.88 -12.95
CA TYR D 117 -26.02 1.84 -11.93
C TYR D 117 -25.57 2.44 -10.57
N GLY D 118 -25.06 3.68 -10.58
CA GLY D 118 -24.64 4.34 -9.35
C GLY D 118 -25.79 4.95 -8.57
N MET D 119 -27.01 5.01 -9.15
CA MET D 119 -28.14 5.62 -8.46
C MET D 119 -28.78 4.66 -7.47
N ASP D 120 -29.08 5.16 -6.26
CA ASP D 120 -29.65 4.38 -5.18
C ASP D 120 -31.18 4.30 -5.23
N TYR D 121 -31.84 5.35 -5.72
CA TYR D 121 -33.31 5.36 -5.83
C TYR D 121 -33.73 6.00 -7.12
N TRP D 122 -34.87 5.58 -7.68
CA TRP D 122 -35.37 6.13 -8.93
C TRP D 122 -36.83 6.52 -8.82
N GLY D 123 -37.19 7.60 -9.51
CA GLY D 123 -38.59 7.99 -9.64
C GLY D 123 -39.27 7.13 -10.70
N LYS D 124 -40.57 7.34 -10.95
CA LYS D 124 -41.30 6.56 -11.95
C LYS D 124 -41.09 7.01 -13.40
N GLY D 125 -40.70 8.25 -13.58
CA GLY D 125 -40.49 8.82 -14.90
C GLY D 125 -41.67 9.68 -15.34
N THR D 126 -41.38 10.67 -16.19
CA THR D 126 -42.38 11.58 -16.76
C THR D 126 -42.09 11.74 -18.25
N GLN D 127 -43.09 11.52 -19.11
CA GLN D 127 -42.87 11.59 -20.55
C GLN D 127 -42.69 13.03 -21.01
N VAL D 128 -41.68 13.26 -21.85
CA VAL D 128 -41.47 14.55 -22.48
C VAL D 128 -41.46 14.27 -23.98
N THR D 129 -42.34 14.93 -24.75
CA THR D 129 -42.40 14.68 -26.18
C THR D 129 -42.23 15.97 -26.93
N VAL D 130 -41.21 16.04 -27.79
CA VAL D 130 -40.98 17.25 -28.58
C VAL D 130 -41.24 16.89 -30.02
N SER D 131 -42.30 17.46 -30.61
CA SER D 131 -42.67 17.15 -31.98
C SER D 131 -43.48 18.28 -32.61
N SER D 132 -43.43 18.39 -33.94
CA SER D 132 -44.18 19.42 -34.67
C SER D 132 -45.58 18.95 -35.01
C1 NAG E . 18.93 -22.96 -3.61
C2 NAG E . 20.33 -23.02 -2.99
C3 NAG E . 21.25 -23.89 -3.84
C4 NAG E . 20.63 -25.26 -4.02
C5 NAG E . 19.23 -25.14 -4.61
C6 NAG E . 18.50 -26.46 -4.66
C7 NAG E . 21.06 -21.05 -1.70
C8 NAG E . 21.65 -19.67 -1.77
N2 NAG E . 20.88 -21.66 -2.86
O3 NAG E . 22.54 -24.03 -3.25
O4 NAG E . 21.45 -26.06 -4.89
O5 NAG E . 18.44 -24.29 -3.77
O6 NAG E . 17.27 -26.31 -5.35
O7 NAG E . 20.73 -21.56 -0.63
C1 NAG F . 20.48 -11.09 -13.33
C2 NAG F . 20.67 -12.60 -13.24
C3 NAG F . 21.88 -12.91 -12.34
C4 NAG F . 23.12 -12.12 -12.78
C5 NAG F . 22.79 -10.64 -12.92
C6 NAG F . 23.93 -9.83 -13.49
C7 NAG F . 18.69 -14.01 -13.48
C8 NAG F . 17.47 -14.57 -12.80
N2 NAG F . 19.48 -13.24 -12.73
O3 NAG F . 22.14 -14.31 -12.37
O4 NAG F . 24.15 -12.27 -11.81
O5 NAG F . 21.68 -10.47 -13.80
O6 NAG F . 23.63 -8.44 -13.51
O7 NAG F . 18.94 -14.27 -14.66
S SO4 G . 8.59 -24.74 -6.16
O1 SO4 G . 8.52 -24.20 -4.77
O2 SO4 G . 9.44 -25.94 -6.22
O3 SO4 G . 9.00 -23.77 -7.18
O4 SO4 G . 7.24 -25.27 -6.48
S SO4 H . 5.56 -3.95 -14.08
O1 SO4 H . 5.97 -3.04 -15.14
O2 SO4 H . 6.64 -4.11 -13.08
O3 SO4 H . 5.27 -5.27 -14.69
O4 SO4 H . 4.36 -3.44 -13.41
S SO4 I . 0.23 -27.59 -15.96
O1 SO4 I . 1.39 -26.81 -16.38
O2 SO4 I . 0.50 -29.03 -16.13
O3 SO4 I . 0.04 -27.27 -14.53
O4 SO4 I . -1.00 -27.27 -16.71
S SO4 J . 11.09 -2.82 22.71
O1 SO4 J . 11.53 -1.88 23.74
O2 SO4 J . 12.26 -3.33 21.98
O3 SO4 J . 10.36 -3.95 23.32
O4 SO4 J . 10.18 -2.13 21.76
S SO4 K . 10.26 -14.67 26.27
O1 SO4 K . 10.32 -16.07 25.84
O2 SO4 K . 11.42 -14.38 27.14
O3 SO4 K . 9.02 -14.43 27.03
O4 SO4 K . 10.29 -13.76 25.11
C1 NAG L . -10.14 15.34 -24.20
C2 NAG L . -11.60 15.36 -24.64
C3 NAG L . -11.69 15.55 -26.16
C4 NAG L . -10.90 16.77 -26.61
C5 NAG L . -9.47 16.71 -26.08
C6 NAG L . -8.73 18.01 -26.34
C7 NAG L . -13.28 14.14 -23.33
C8 NAG L . -13.85 12.79 -22.99
N2 NAG L . -12.29 14.15 -24.24
O3 NAG L . -13.05 15.72 -26.57
O4 NAG L . -10.86 16.81 -28.04
O5 NAG L . -9.47 16.52 -24.66
O6 NAG L . -7.47 18.02 -25.68
O7 NAG L . -13.71 15.17 -22.84
C1 NAG M . -7.02 2.75 -25.94
C2 NAG M . -8.43 3.30 -26.18
C3 NAG M . -8.38 4.54 -27.08
C4 NAG M . -7.40 5.56 -26.53
C5 NAG M . -6.03 4.93 -26.32
C6 NAG M . -5.00 5.86 -25.72
C7 NAG M . -10.19 1.57 -26.12
C8 NAG M . -10.98 0.58 -26.91
N2 NAG M . -9.28 2.27 -26.79
O3 NAG M . -9.67 5.11 -27.22
O4 NAG M . -7.29 6.67 -27.42
O5 NAG M . -6.18 3.80 -25.43
O6 NAG M . -5.38 6.31 -24.42
O7 NAG M . -10.37 1.73 -24.91
S SO4 N . 2.92 -7.39 -19.78
O1 SO4 N . 3.24 -5.97 -19.78
O2 SO4 N . 3.88 -8.12 -18.92
O3 SO4 N . 1.55 -7.63 -19.29
O4 SO4 N . 3.07 -7.89 -21.15
S SO4 O . -0.35 17.60 -20.47
O1 SO4 O . -0.12 16.22 -20.91
O2 SO4 O . 0.93 18.29 -20.22
O3 SO4 O . -1.20 17.61 -19.27
O4 SO4 O . -1.03 18.40 -21.51
S SO4 P . 23.03 -23.17 9.38
O1 SO4 P . 24.25 -23.95 9.12
O2 SO4 P . 23.23 -21.91 10.08
O3 SO4 P . 21.89 -23.91 9.94
O4 SO4 P . 22.62 -22.49 8.14
S SO4 Q . -20.61 21.06 -18.04
O1 SO4 Q . -19.65 22.15 -17.81
O2 SO4 Q . -19.95 20.12 -18.97
O3 SO4 Q . -21.88 21.56 -18.59
O4 SO4 Q . -20.93 20.38 -16.80
S SO4 R . -13.34 20.08 -10.55
O1 SO4 R . -12.82 20.06 -9.17
O2 SO4 R . -12.57 20.99 -11.38
O3 SO4 R . -13.22 18.73 -11.15
O4 SO4 R . -14.76 20.50 -10.53
#